data_8WHL
#
_entry.id   8WHL
#
_cell.length_a   106.221
_cell.length_b   106.221
_cell.length_c   327.051
_cell.angle_alpha   90.00
_cell.angle_beta   90.00
_cell.angle_gamma   120.00
#
_symmetry.space_group_name_H-M   'P 61'
#
loop_
_entity.id
_entity.type
_entity.pdbx_description
1 polymer 'CLIP-associating protein 2'
2 polymer 'Centromere-associated protein E'
3 non-polymer 'ACETATE ION'
4 non-polymer 'MALONIC ACID'
#
loop_
_entity_poly.entity_id
_entity_poly.type
_entity_poly.pdbx_seq_one_letter_code
_entity_poly.pdbx_strand_id
1 'polypeptide(L)'
;GPGSEFSLDHSDLVAELLKELSNHNERVEERKIALYELMKLTQEESFSVWDEHFKTILLLLLETLGDKEPTIRALALKVL
REILRHQPARFKNYAELTVMKTLEAHKDPHKEVVRSAEEAASVLATSISPEQCIKVLCPIIQTADYPINLAAIKMQTKVI
ERVSKETLNLLLPEIMPGLIQGYDNSESSVRKACVFCLVAVHAVIGDELKPHLSQLTGSKMKLLNLYIKRAQTGS
;
B,D,C,A
2 'polypeptide(L)' GPGSATKLLNQENIESELNSLRADYDNLVLDYEQLRTEKEEMELKLKEKNDLDEFEALERKTKKDQ F,H,G,E
#
loop_
_chem_comp.id
_chem_comp.type
_chem_comp.name
_chem_comp.formula
ACT non-polymer 'ACETATE ION' 'C2 H3 O2 -1'
MLA non-polymer 'MALONIC ACID' 'C3 H4 O4'
#
# COMPACT_ATOMS: atom_id res chain seq x y z
N ASP A 9 24.40 33.89 31.76
CA ASP A 9 24.87 33.03 30.69
C ASP A 9 23.84 31.95 30.37
N HIS A 10 22.97 32.23 29.41
CA HIS A 10 21.98 31.24 28.99
C HIS A 10 22.63 30.05 28.30
N SER A 11 23.78 30.27 27.66
CA SER A 11 24.35 29.26 26.78
C SER A 11 24.81 28.02 27.55
N ASP A 12 25.36 28.21 28.75
CA ASP A 12 25.82 27.06 29.53
C ASP A 12 24.66 26.15 29.92
N LEU A 13 23.51 26.73 30.25
CA LEU A 13 22.33 25.91 30.53
C LEU A 13 21.88 25.16 29.28
N VAL A 14 21.93 25.82 28.13
CA VAL A 14 21.52 25.19 26.87
C VAL A 14 22.39 23.98 26.58
N ALA A 15 23.69 24.09 26.86
CA ALA A 15 24.59 22.95 26.64
C ALA A 15 24.14 21.74 27.45
N GLU A 16 23.68 21.96 28.68
CA GLU A 16 23.12 20.87 29.46
C GLU A 16 21.84 20.34 28.84
N LEU A 17 21.00 21.24 28.32
CA LEU A 17 19.78 20.81 27.63
C LEU A 17 20.10 20.04 26.36
N LEU A 18 21.04 20.55 25.56
CA LEU A 18 21.44 19.84 24.34
C LEU A 18 22.11 18.52 24.65
N LYS A 19 22.82 18.42 25.79
CA LYS A 19 23.46 17.17 26.16
C LYS A 19 22.44 16.13 26.60
N GLU A 20 21.46 16.55 27.40
CA GLU A 20 20.45 15.60 27.89
C GLU A 20 19.50 15.18 26.79
N LEU A 21 18.98 16.14 26.02
CA LEU A 21 17.98 15.84 25.02
C LEU A 21 18.52 15.05 23.82
N SER A 22 19.84 14.95 23.68
CA SER A 22 20.41 14.07 22.68
C SER A 22 20.39 12.61 23.08
N ASN A 23 20.02 12.30 24.32
CA ASN A 23 19.92 10.93 24.81
C ASN A 23 18.53 10.38 24.50
N HIS A 24 18.36 9.95 23.25
CA HIS A 24 17.07 9.46 22.79
C HIS A 24 16.84 8.03 23.27
N ASN A 25 15.61 7.76 23.70
CA ASN A 25 15.12 6.47 24.21
C ASN A 25 15.68 6.10 25.58
N GLU A 26 16.52 6.93 26.19
CA GLU A 26 17.05 6.67 27.52
C GLU A 26 16.94 7.92 28.36
N ARG A 27 16.99 7.73 29.68
CA ARG A 27 16.86 8.81 30.65
C ARG A 27 15.55 9.58 30.41
N VAL A 28 14.45 8.87 30.67
CA VAL A 28 13.13 9.40 30.33
C VAL A 28 12.77 10.57 31.24
N GLU A 29 12.96 10.41 32.55
CA GLU A 29 12.56 11.47 33.47
C GLU A 29 13.52 12.64 33.40
N GLU A 30 14.81 12.38 33.19
CA GLU A 30 15.78 13.47 33.06
C GLU A 30 15.55 14.27 31.80
N ARG A 31 15.10 13.63 30.71
CA ARG A 31 14.81 14.43 29.51
C ARG A 31 13.48 15.15 29.62
N LYS A 32 12.52 14.60 30.38
CA LYS A 32 11.28 15.31 30.62
C LYS A 32 11.53 16.62 31.36
N ILE A 33 12.46 16.60 32.33
CA ILE A 33 12.87 17.83 33.00
C ILE A 33 13.55 18.76 32.01
N ALA A 34 14.45 18.22 31.19
CA ALA A 34 15.16 19.04 30.21
C ALA A 34 14.21 19.67 29.21
N LEU A 35 13.22 18.90 28.73
CA LEU A 35 12.25 19.46 27.78
C LEU A 35 11.40 20.53 28.43
N TYR A 36 10.99 20.31 29.69
CA TYR A 36 10.25 21.33 30.43
C TYR A 36 11.10 22.56 30.67
N GLU A 37 12.40 22.38 30.90
CA GLU A 37 13.30 23.52 31.05
C GLU A 37 13.39 24.33 29.77
N LEU A 38 13.44 23.65 28.63
CA LEU A 38 13.47 24.36 27.34
C LEU A 38 12.20 25.18 27.14
N MET A 39 11.07 24.68 27.63
CA MET A 39 9.81 25.41 27.45
C MET A 39 9.80 26.70 28.26
N LYS A 40 10.39 26.70 29.46
CA LYS A 40 10.44 27.93 30.25
C LYS A 40 11.28 28.99 29.54
N LEU A 41 12.40 28.59 28.93
CA LEU A 41 13.20 29.54 28.17
C LEU A 41 12.40 30.15 27.03
N THR A 42 11.44 29.39 26.48
CA THR A 42 10.61 29.92 25.41
C THR A 42 9.71 31.05 25.91
N GLN A 43 9.15 30.93 27.13
CA GLN A 43 8.31 31.99 27.65
C GLN A 43 9.12 33.23 28.02
N GLU A 44 10.41 33.06 28.31
CA GLU A 44 11.21 34.17 28.79
C GLU A 44 11.73 35.03 27.64
N GLU A 45 12.27 36.19 27.98
CA GLU A 45 12.89 37.06 26.98
C GLU A 45 14.31 36.59 26.71
N SER A 46 14.45 35.31 26.39
CA SER A 46 15.75 34.69 26.11
C SER A 46 16.06 34.70 24.62
N PHE A 47 15.90 35.87 23.99
CA PHE A 47 16.16 35.98 22.56
C PHE A 47 17.64 35.81 22.23
N SER A 48 18.52 36.00 23.20
CA SER A 48 19.93 35.72 22.97
C SER A 48 20.17 34.24 22.67
N VAL A 49 19.36 33.36 23.26
CA VAL A 49 19.47 31.93 23.01
C VAL A 49 19.17 31.62 21.54
N TRP A 50 18.12 32.22 20.99
CA TRP A 50 17.60 31.80 19.70
C TRP A 50 18.40 32.35 18.53
N ASP A 51 19.13 33.45 18.71
CA ASP A 51 19.95 33.98 17.63
C ASP A 51 21.06 33.02 17.24
N GLU A 52 21.50 32.16 18.17
CA GLU A 52 22.64 31.28 17.95
C GLU A 52 22.30 29.80 18.03
N HIS A 53 21.17 29.42 18.65
CA HIS A 53 20.91 28.02 18.95
C HIS A 53 19.52 27.57 18.51
N PHE A 54 18.88 28.30 17.59
CA PHE A 54 17.55 27.90 17.13
C PHE A 54 17.60 26.60 16.32
N LYS A 55 18.41 26.57 15.27
CA LYS A 55 18.49 25.40 14.40
C LYS A 55 18.82 24.14 15.19
N THR A 56 19.79 24.22 16.11
CA THR A 56 20.13 23.06 16.92
C THR A 56 18.93 22.56 17.72
N ILE A 57 18.16 23.48 18.32
CA ILE A 57 17.01 23.09 19.12
C ILE A 57 15.90 22.51 18.25
N LEU A 58 15.63 23.13 17.10
CA LEU A 58 14.56 22.65 16.23
C LEU A 58 14.84 21.23 15.75
N LEU A 59 16.06 20.99 15.25
CA LEU A 59 16.40 19.67 14.74
C LEU A 59 16.40 18.61 15.85
N LEU A 60 16.89 18.97 17.03
CA LEU A 60 16.86 18.04 18.16
C LEU A 60 15.43 17.81 18.65
N LEU A 61 14.57 18.83 18.55
CA LEU A 61 13.18 18.66 18.93
C LEU A 61 12.41 17.87 17.88
N LEU A 62 12.82 17.95 16.61
CA LEU A 62 12.16 17.20 15.56
C LEU A 62 12.61 15.74 15.54
N GLU A 63 13.90 15.49 15.79
CA GLU A 63 14.38 14.12 15.92
C GLU A 63 13.71 13.41 17.09
N THR A 64 13.42 14.16 18.17
CA THR A 64 12.77 13.59 19.34
C THR A 64 11.36 13.08 19.02
N LEU A 65 10.72 13.59 17.96
CA LEU A 65 9.41 13.13 17.56
C LEU A 65 9.40 11.67 17.13
N GLY A 66 10.57 11.06 16.94
CA GLY A 66 10.65 9.65 16.58
C GLY A 66 11.02 8.78 17.77
N ASP A 67 10.81 9.30 18.97
CA ASP A 67 11.17 8.58 20.19
C ASP A 67 10.21 7.42 20.46
N LYS A 68 10.74 6.37 21.09
CA LYS A 68 9.88 5.24 21.45
C LYS A 68 8.89 5.58 22.56
N GLU A 69 9.18 6.62 23.36
CA GLU A 69 8.31 6.98 24.47
C GLU A 69 7.18 7.88 23.98
N PRO A 70 5.92 7.47 24.08
CA PRO A 70 4.84 8.35 23.61
C PRO A 70 4.70 9.63 24.41
N THR A 71 5.06 9.62 25.70
CA THR A 71 4.99 10.85 26.49
C THR A 71 6.13 11.79 26.15
N ILE A 72 7.28 11.26 25.73
CA ILE A 72 8.36 12.12 25.27
C ILE A 72 8.02 12.76 23.94
N ARG A 73 7.43 11.98 23.02
CA ARG A 73 6.98 12.53 21.76
C ARG A 73 5.92 13.60 21.97
N ALA A 74 4.89 13.26 22.75
CA ALA A 74 3.80 14.21 22.98
C ALA A 74 4.31 15.48 23.67
N LEU A 75 5.38 15.36 24.47
CA LEU A 75 5.93 16.53 25.13
C LEU A 75 6.74 17.39 24.17
N ALA A 76 7.53 16.76 23.30
CA ALA A 76 8.30 17.51 22.31
C ALA A 76 7.39 18.30 21.38
N LEU A 77 6.18 17.78 21.11
CA LEU A 77 5.21 18.52 20.32
C LEU A 77 4.64 19.70 21.11
N LYS A 78 4.60 19.59 22.44
CA LYS A 78 4.13 20.69 23.27
C LYS A 78 5.16 21.81 23.32
N VAL A 79 6.44 21.47 23.45
CA VAL A 79 7.49 22.47 23.41
C VAL A 79 7.59 23.09 22.02
N LEU A 80 7.50 22.28 20.97
CA LEU A 80 7.57 22.80 19.61
C LEU A 80 6.45 23.78 19.33
N ARG A 81 5.25 23.51 19.85
CA ARG A 81 4.15 24.44 19.68
C ARG A 81 4.49 25.82 20.25
N GLU A 82 5.22 25.84 21.37
CA GLU A 82 5.58 27.11 21.97
C GLU A 82 6.64 27.84 21.17
N ILE A 83 7.65 27.10 20.67
CA ILE A 83 8.67 27.71 19.83
C ILE A 83 8.05 28.23 18.53
N LEU A 84 6.95 27.60 18.09
CA LEU A 84 6.28 28.07 16.87
C LEU A 84 5.60 29.41 17.10
N ARG A 85 4.93 29.58 18.24
CA ARG A 85 4.20 30.81 18.51
C ARG A 85 5.00 31.86 19.28
N HIS A 86 6.19 31.51 19.78
CA HIS A 86 7.07 32.51 20.37
C HIS A 86 8.16 32.98 19.42
N GLN A 87 8.56 32.16 18.45
CA GLN A 87 9.58 32.53 17.47
C GLN A 87 9.10 32.16 16.06
N PRO A 88 7.97 32.72 15.62
CA PRO A 88 7.41 32.29 14.33
C PRO A 88 8.22 32.76 13.13
N ALA A 89 8.85 33.93 13.20
CA ALA A 89 9.60 34.46 12.07
C ALA A 89 10.87 33.67 11.78
N ARG A 90 11.26 32.74 12.64
CA ARG A 90 12.49 31.98 12.47
C ARG A 90 12.31 30.72 11.62
N PHE A 91 11.07 30.31 11.34
CA PHE A 91 10.80 29.09 10.60
C PHE A 91 10.74 29.29 9.08
N LYS A 92 11.19 30.44 8.57
CA LYS A 92 11.16 30.67 7.13
C LYS A 92 11.89 29.57 6.37
N ASN A 93 13.10 29.24 6.81
CA ASN A 93 13.94 28.27 6.12
C ASN A 93 13.66 26.83 6.55
N TYR A 94 12.69 26.59 7.42
CA TYR A 94 12.41 25.24 7.90
C TYR A 94 10.92 24.91 7.83
N ALA A 95 10.17 25.59 6.95
CA ALA A 95 8.73 25.38 6.89
C ALA A 95 8.38 23.95 6.50
N GLU A 96 8.88 23.49 5.36
CA GLU A 96 8.51 22.16 4.86
C GLU A 96 8.89 21.07 5.85
N LEU A 97 10.08 21.18 6.47
CA LEU A 97 10.49 20.17 7.43
C LEU A 97 9.58 20.15 8.65
N THR A 98 9.22 21.33 9.17
CA THR A 98 8.36 21.38 10.34
C THR A 98 6.93 20.94 10.01
N VAL A 99 6.44 21.29 8.82
CA VAL A 99 5.10 20.88 8.42
C VAL A 99 5.03 19.36 8.28
N MET A 100 5.95 18.78 7.51
CA MET A 100 5.87 17.35 7.21
C MET A 100 6.10 16.49 8.44
N LYS A 101 6.91 16.96 9.40
CA LYS A 101 7.09 16.21 10.63
C LYS A 101 5.87 16.33 11.54
N THR A 102 5.29 17.53 11.63
CA THR A 102 4.08 17.70 12.44
C THR A 102 2.91 16.91 11.88
N LEU A 103 2.82 16.79 10.55
CA LEU A 103 1.74 16.01 9.95
C LEU A 103 1.92 14.52 10.19
N GLU A 104 3.17 14.04 10.26
CA GLU A 104 3.41 12.64 10.53
C GLU A 104 3.01 12.25 11.95
N ALA A 105 3.12 13.18 12.89
CA ALA A 105 2.70 12.90 14.26
C ALA A 105 1.20 12.67 14.35
N HIS A 106 0.43 13.12 13.36
CA HIS A 106 -1.02 12.96 13.35
C HIS A 106 -1.44 11.50 13.21
N LYS A 107 -0.54 10.60 12.84
CA LYS A 107 -0.87 9.18 12.72
C LYS A 107 -0.17 8.34 13.79
N ASP A 108 0.10 8.93 14.94
CA ASP A 108 0.63 8.17 16.06
C ASP A 108 -0.47 7.32 16.69
N PRO A 109 -0.13 6.14 17.21
CA PRO A 109 -1.16 5.27 17.81
C PRO A 109 -1.73 5.82 19.11
N HIS A 110 -1.02 6.73 19.78
CA HIS A 110 -1.41 7.21 21.09
C HIS A 110 -2.13 8.54 20.96
N LYS A 111 -3.30 8.64 21.60
CA LYS A 111 -4.10 9.87 21.52
C LYS A 111 -3.32 11.08 22.01
N GLU A 112 -2.51 10.90 23.05
CA GLU A 112 -1.80 12.04 23.62
C GLU A 112 -0.82 12.68 22.64
N VAL A 113 -0.32 11.91 21.67
CA VAL A 113 0.61 12.46 20.70
C VAL A 113 -0.14 13.15 19.55
N VAL A 114 -1.17 12.50 19.03
CA VAL A 114 -1.94 13.09 17.93
C VAL A 114 -2.68 14.34 18.41
N ARG A 115 -3.28 14.26 19.61
CA ARG A 115 -3.98 15.41 20.18
C ARG A 115 -3.03 16.59 20.34
N SER A 116 -1.83 16.34 20.87
CA SER A 116 -0.83 17.40 20.99
C SER A 116 -0.30 17.82 19.63
N ALA A 117 -0.34 16.93 18.63
CA ALA A 117 0.11 17.28 17.29
C ALA A 117 -0.92 18.12 16.54
N GLU A 118 -2.21 17.88 16.78
CA GLU A 118 -3.24 18.72 16.19
C GLU A 118 -3.12 20.16 16.66
N GLU A 119 -2.64 20.36 17.90
CA GLU A 119 -2.47 21.70 18.43
C GLU A 119 -1.27 22.41 17.81
N ALA A 120 -0.18 21.68 17.59
CA ALA A 120 1.00 22.26 16.95
C ALA A 120 0.68 22.66 15.50
N ALA A 121 -0.07 21.83 14.79
CA ALA A 121 -0.48 22.17 13.44
C ALA A 121 -1.47 23.33 13.42
N SER A 122 -2.12 23.63 14.54
CA SER A 122 -3.02 24.77 14.60
C SER A 122 -2.24 26.07 14.69
N VAL A 123 -1.24 26.13 15.57
CA VAL A 123 -0.35 27.28 15.66
C VAL A 123 0.47 27.43 14.38
N LEU A 124 0.79 26.30 13.74
CA LEU A 124 1.60 26.32 12.52
C LEU A 124 0.90 27.04 11.38
N ALA A 125 -0.43 27.05 11.38
CA ALA A 125 -1.16 27.73 10.31
C ALA A 125 -1.03 29.24 10.39
N THR A 126 -0.83 29.78 11.59
CA THR A 126 -0.70 31.22 11.79
C THR A 126 0.73 31.66 12.03
N SER A 127 1.67 30.74 12.19
CA SER A 127 3.07 31.08 12.41
C SER A 127 3.88 31.01 11.12
N ILE A 128 3.67 29.99 10.29
CA ILE A 128 4.34 29.93 9.00
C ILE A 128 3.72 30.98 8.08
N SER A 129 4.53 31.59 7.23
CA SER A 129 4.04 32.58 6.29
C SER A 129 2.89 31.98 5.48
N PRO A 130 1.77 32.69 5.31
CA PRO A 130 0.60 32.05 4.70
C PRO A 130 0.83 31.73 3.23
N GLU A 131 1.52 32.60 2.50
CA GLU A 131 1.83 32.33 1.10
C GLU A 131 2.75 31.13 0.98
N GLN A 132 3.72 31.02 1.90
CA GLN A 132 4.62 29.88 1.90
C GLN A 132 3.92 28.61 2.36
N CYS A 133 2.99 28.72 3.31
CA CYS A 133 2.33 27.54 3.83
C CYS A 133 1.43 26.89 2.78
N ILE A 134 0.74 27.70 1.98
CA ILE A 134 -0.13 27.14 0.95
C ILE A 134 0.71 26.36 -0.06
N LYS A 135 1.84 26.92 -0.49
CA LYS A 135 2.68 26.24 -1.48
C LYS A 135 3.33 24.99 -0.92
N VAL A 136 3.46 24.88 0.41
CA VAL A 136 3.93 23.65 1.01
C VAL A 136 2.80 22.63 1.10
N LEU A 137 1.58 23.08 1.41
CA LEU A 137 0.47 22.17 1.65
C LEU A 137 -0.07 21.56 0.37
N CYS A 138 0.03 22.27 -0.75
CA CYS A 138 -0.55 21.77 -2.00
C CYS A 138 0.02 20.41 -2.42
N PRO A 139 1.34 20.23 -2.56
CA PRO A 139 1.83 18.90 -2.94
C PRO A 139 1.55 17.83 -1.90
N ILE A 140 1.54 18.20 -0.61
CA ILE A 140 1.20 17.24 0.44
C ILE A 140 -0.25 16.79 0.30
N ILE A 141 -1.17 17.74 0.10
CA ILE A 141 -2.58 17.41 -0.02
C ILE A 141 -2.82 16.47 -1.19
N GLN A 142 -2.15 16.71 -2.32
CA GLN A 142 -2.42 15.97 -3.53
C GLN A 142 -1.82 14.57 -3.54
N THR A 143 -0.87 14.27 -2.65
CA THR A 143 -0.18 12.99 -2.69
C THR A 143 -0.17 12.20 -1.39
N ALA A 144 -0.60 12.79 -0.28
CA ALA A 144 -0.52 12.10 1.00
C ALA A 144 -1.75 11.22 1.22
N ASP A 145 -1.59 10.24 2.10
CA ASP A 145 -2.65 9.34 2.52
C ASP A 145 -3.28 9.80 3.82
N TYR A 146 -4.46 9.24 4.11
CA TYR A 146 -5.14 9.51 5.36
C TYR A 146 -4.25 9.11 6.55
N PRO A 147 -4.22 9.91 7.63
CA PRO A 147 -4.96 11.17 7.76
C PRO A 147 -4.11 12.40 7.49
N ILE A 148 -2.94 12.22 6.86
CA ILE A 148 -2.06 13.36 6.63
C ILE A 148 -2.66 14.31 5.61
N ASN A 149 -3.27 13.76 4.55
CA ASN A 149 -3.96 14.61 3.58
C ASN A 149 -5.12 15.33 4.24
N LEU A 150 -5.83 14.66 5.15
CA LEU A 150 -6.90 15.31 5.89
C LEU A 150 -6.36 16.43 6.78
N ALA A 151 -5.25 16.17 7.46
CA ALA A 151 -4.66 17.18 8.32
C ALA A 151 -4.16 18.37 7.51
N ALA A 152 -3.58 18.11 6.34
CA ALA A 152 -3.06 19.19 5.51
C ALA A 152 -4.18 20.04 4.93
N ILE A 153 -5.33 19.45 4.62
CA ILE A 153 -6.46 20.22 4.10
C ILE A 153 -7.02 21.13 5.17
N LYS A 154 -7.18 20.63 6.40
CA LYS A 154 -7.66 21.47 7.49
C LYS A 154 -6.73 22.66 7.72
N MET A 155 -5.42 22.45 7.59
CA MET A 155 -4.47 23.53 7.78
C MET A 155 -4.62 24.60 6.71
N GLN A 156 -4.74 24.19 5.44
CA GLN A 156 -4.88 25.17 4.36
C GLN A 156 -6.14 26.01 4.51
N THR A 157 -7.21 25.44 5.07
CA THR A 157 -8.42 26.23 5.29
C THR A 157 -8.14 27.38 6.24
N LYS A 158 -7.39 27.12 7.32
CA LYS A 158 -7.02 28.19 8.22
C LYS A 158 -6.06 29.18 7.57
N VAL A 159 -5.19 28.69 6.69
CA VAL A 159 -4.18 29.55 6.06
C VAL A 159 -4.78 30.41 4.95
N ILE A 160 -5.79 29.88 4.23
CA ILE A 160 -6.39 30.63 3.12
C ILE A 160 -7.07 31.89 3.62
N GLU A 161 -7.60 31.87 4.84
CA GLU A 161 -8.25 33.04 5.42
C GLU A 161 -7.32 34.21 5.63
N ARG A 162 -6.00 34.04 5.51
CA ARG A 162 -5.04 35.08 5.85
C ARG A 162 -4.38 35.72 4.65
N VAL A 163 -4.67 35.26 3.44
CA VAL A 163 -4.10 35.84 2.22
C VAL A 163 -5.17 36.72 1.59
N SER A 164 -4.73 37.77 0.90
CA SER A 164 -5.67 38.67 0.26
C SER A 164 -6.38 37.97 -0.90
N LYS A 165 -7.46 38.60 -1.36
CA LYS A 165 -8.20 38.06 -2.50
C LYS A 165 -7.38 38.11 -3.77
N GLU A 166 -6.51 39.11 -3.90
CA GLU A 166 -5.63 39.19 -5.07
C GLU A 166 -4.57 38.11 -5.04
N THR A 167 -4.01 37.84 -3.85
CA THR A 167 -3.00 36.80 -3.72
C THR A 167 -3.60 35.41 -3.91
N LEU A 168 -4.82 35.21 -3.41
CA LEU A 168 -5.45 33.90 -3.49
C LEU A 168 -5.70 33.48 -4.94
N ASN A 169 -6.01 34.45 -5.80
CA ASN A 169 -6.25 34.13 -7.20
C ASN A 169 -5.00 33.55 -7.87
N LEU A 170 -3.83 34.07 -7.52
CA LEU A 170 -2.59 33.55 -8.09
C LEU A 170 -2.34 32.11 -7.67
N LEU A 171 -2.78 31.72 -6.48
CA LEU A 171 -2.55 30.38 -5.97
C LEU A 171 -3.68 29.41 -6.32
N LEU A 172 -4.77 29.90 -6.91
CA LEU A 172 -5.87 29.02 -7.26
C LEU A 172 -5.50 27.92 -8.25
N PRO A 173 -4.75 28.19 -9.33
CA PRO A 173 -4.33 27.07 -10.20
C PRO A 173 -3.58 25.97 -9.47
N GLU A 174 -2.92 26.29 -8.36
CA GLU A 174 -2.20 25.30 -7.55
C GLU A 174 -3.02 24.76 -6.38
N ILE A 175 -3.97 25.54 -5.88
CA ILE A 175 -4.79 25.09 -4.74
C ILE A 175 -5.90 24.16 -5.21
N MET A 176 -6.58 24.53 -6.29
CA MET A 176 -7.78 23.81 -6.70
C MET A 176 -7.55 22.34 -7.08
N PRO A 177 -6.42 21.94 -7.70
CA PRO A 177 -6.27 20.50 -8.03
C PRO A 177 -6.44 19.57 -6.84
N GLY A 178 -5.74 19.84 -5.74
CA GLY A 178 -5.89 19.00 -4.56
C GLY A 178 -7.27 19.07 -3.94
N LEU A 179 -7.95 20.21 -4.10
CA LEU A 179 -9.27 20.38 -3.51
C LEU A 179 -10.33 19.61 -4.31
N ILE A 180 -10.24 19.65 -5.65
CA ILE A 180 -11.14 18.85 -6.46
C ILE A 180 -10.81 17.37 -6.31
N GLN A 181 -9.52 17.04 -6.19
CA GLN A 181 -9.11 15.65 -6.03
C GLN A 181 -9.57 15.09 -4.68
N GLY A 182 -9.40 15.86 -3.61
CA GLY A 182 -9.84 15.42 -2.30
C GLY A 182 -11.34 15.31 -2.16
N TYR A 183 -12.09 15.96 -3.06
CA TYR A 183 -13.54 15.82 -3.07
C TYR A 183 -13.99 14.45 -3.53
N ASP A 184 -13.15 13.74 -4.29
CA ASP A 184 -13.41 12.38 -4.72
C ASP A 184 -12.83 11.34 -3.77
N ASN A 185 -12.26 11.77 -2.65
CA ASN A 185 -11.58 10.84 -1.75
C ASN A 185 -12.56 9.84 -1.15
N SER A 186 -12.06 8.63 -0.90
CA SER A 186 -12.89 7.58 -0.31
C SER A 186 -13.36 7.94 1.09
N GLU A 187 -12.57 8.73 1.82
CA GLU A 187 -12.89 9.07 3.20
C GLU A 187 -13.83 10.25 3.24
N SER A 188 -14.91 10.13 4.02
CA SER A 188 -15.90 11.19 4.08
C SER A 188 -15.37 12.41 4.83
N SER A 189 -14.47 12.21 5.80
CA SER A 189 -13.87 13.34 6.49
C SER A 189 -13.00 14.17 5.57
N VAL A 190 -12.34 13.54 4.60
CA VAL A 190 -11.56 14.28 3.62
C VAL A 190 -12.47 15.07 2.68
N ARG A 191 -13.56 14.44 2.23
CA ARG A 191 -14.51 15.13 1.38
C ARG A 191 -15.14 16.33 2.10
N LYS A 192 -15.42 16.17 3.38
CA LYS A 192 -16.01 17.26 4.16
C LYS A 192 -15.00 18.38 4.37
N ALA A 193 -13.76 18.03 4.69
CA ALA A 193 -12.71 19.04 4.84
C ALA A 193 -12.50 19.84 3.57
N CYS A 194 -12.66 19.21 2.39
CA CYS A 194 -12.50 19.94 1.14
C CYS A 194 -13.63 20.92 0.91
N VAL A 195 -14.87 20.54 1.26
CA VAL A 195 -16.00 21.46 1.12
C VAL A 195 -15.80 22.69 1.97
N PHE A 196 -15.38 22.50 3.23
CA PHE A 196 -15.16 23.64 4.11
C PHE A 196 -13.99 24.50 3.63
N CYS A 197 -13.02 23.90 2.95
CA CYS A 197 -11.96 24.69 2.33
C CYS A 197 -12.50 25.48 1.14
N LEU A 198 -13.38 24.87 0.35
CA LEU A 198 -13.98 25.58 -0.77
C LEU A 198 -14.96 26.65 -0.29
N VAL A 199 -15.61 26.42 0.85
CA VAL A 199 -16.43 27.47 1.46
C VAL A 199 -15.56 28.66 1.85
N ALA A 200 -14.36 28.39 2.36
CA ALA A 200 -13.45 29.47 2.70
C ALA A 200 -12.94 30.19 1.46
N VAL A 201 -12.72 29.44 0.37
CA VAL A 201 -12.29 30.07 -0.88
C VAL A 201 -13.43 30.87 -1.48
N HIS A 202 -14.66 30.34 -1.42
CA HIS A 202 -15.80 31.09 -1.94
C HIS A 202 -16.04 32.35 -1.14
N ALA A 203 -15.81 32.30 0.18
CA ALA A 203 -16.05 33.46 1.03
C ALA A 203 -15.15 34.63 0.66
N VAL A 204 -14.00 34.36 0.05
CA VAL A 204 -13.04 35.41 -0.30
C VAL A 204 -13.30 35.94 -1.70
N ILE A 205 -13.40 35.05 -2.70
CA ILE A 205 -13.42 35.47 -4.11
C ILE A 205 -14.82 35.46 -4.72
N GLY A 206 -15.83 35.02 -3.97
CA GLY A 206 -17.20 35.09 -4.47
C GLY A 206 -17.43 34.24 -5.71
N ASP A 207 -18.09 34.83 -6.71
CA ASP A 207 -18.47 34.13 -7.93
C ASP A 207 -17.29 33.83 -8.84
N GLU A 208 -16.11 34.40 -8.58
CA GLU A 208 -14.94 34.14 -9.41
C GLU A 208 -14.48 32.69 -9.31
N LEU A 209 -14.92 31.96 -8.29
CA LEU A 209 -14.56 30.55 -8.12
C LEU A 209 -15.23 29.63 -9.13
N LYS A 210 -16.32 30.08 -9.77
CA LYS A 210 -17.14 29.21 -10.60
C LYS A 210 -16.38 28.44 -11.68
N PRO A 211 -15.49 29.06 -12.48
CA PRO A 211 -14.80 28.28 -13.51
C PRO A 211 -13.94 27.15 -12.97
N HIS A 212 -13.44 27.28 -11.74
CA HIS A 212 -12.59 26.24 -11.17
C HIS A 212 -13.37 25.00 -10.77
N LEU A 213 -14.67 25.14 -10.51
CA LEU A 213 -15.51 24.04 -10.06
C LEU A 213 -16.23 23.34 -11.21
N SER A 214 -15.83 23.61 -12.45
CA SER A 214 -16.51 23.02 -13.60
C SER A 214 -16.42 21.50 -13.61
N GLN A 215 -15.37 20.94 -13.02
CA GLN A 215 -15.16 19.50 -13.01
C GLN A 215 -15.91 18.79 -11.89
N LEU A 216 -16.74 19.51 -11.13
CA LEU A 216 -17.53 18.90 -10.08
C LEU A 216 -18.83 18.36 -10.64
N THR A 217 -19.28 17.23 -10.11
CA THR A 217 -20.57 16.68 -10.52
C THR A 217 -21.70 17.51 -9.94
N GLY A 218 -22.91 17.28 -10.46
CA GLY A 218 -24.06 18.04 -10.00
C GLY A 218 -24.37 17.82 -8.53
N SER A 219 -24.21 16.57 -8.07
CA SER A 219 -24.48 16.28 -6.66
C SER A 219 -23.45 16.92 -5.74
N LYS A 220 -22.20 17.02 -6.19
CA LYS A 220 -21.18 17.69 -5.39
C LYS A 220 -21.33 19.22 -5.46
N MET A 221 -21.70 19.73 -6.64
CA MET A 221 -22.04 21.15 -6.74
C MET A 221 -23.21 21.51 -5.83
N LYS A 222 -24.24 20.65 -5.81
CA LYS A 222 -25.39 20.90 -4.95
C LYS A 222 -25.00 20.87 -3.48
N LEU A 223 -24.22 19.88 -3.08
CA LEU A 223 -23.76 19.80 -1.69
C LEU A 223 -22.89 21.00 -1.34
N LEU A 224 -22.04 21.44 -2.27
CA LEU A 224 -21.16 22.58 -1.99
C LEU A 224 -21.95 23.87 -1.85
N ASN A 225 -22.85 24.14 -2.79
CA ASN A 225 -23.72 25.31 -2.67
C ASN A 225 -24.56 25.24 -1.41
N LEU A 226 -24.90 24.02 -0.96
CA LEU A 226 -25.66 23.86 0.27
C LEU A 226 -24.85 24.37 1.47
N TYR A 227 -23.56 24.03 1.52
CA TYR A 227 -22.71 24.49 2.61
C TYR A 227 -22.25 25.94 2.41
N ILE A 228 -22.26 26.44 1.17
CA ILE A 228 -22.02 27.87 0.96
C ILE A 228 -23.18 28.68 1.51
N LYS A 229 -24.42 28.24 1.26
CA LYS A 229 -25.58 28.92 1.83
C LYS A 229 -25.56 28.87 3.35
N ARG A 230 -25.18 27.72 3.93
CA ARG A 230 -25.14 27.58 5.37
C ARG A 230 -24.10 28.51 6.00
N ALA A 231 -22.99 28.76 5.30
CA ALA A 231 -21.96 29.66 5.80
C ALA A 231 -22.43 31.11 5.82
N GLN A 232 -23.32 31.50 4.91
CA GLN A 232 -23.75 32.90 4.83
C GLN A 232 -24.78 33.27 5.88
N THR A 233 -25.61 32.31 6.31
CA THR A 233 -26.67 32.61 7.26
C THR A 233 -26.14 32.99 8.65
N GLY A 234 -24.92 32.58 8.99
CA GLY A 234 -24.36 32.90 10.29
C GLY A 234 -24.15 34.38 10.51
N ASP B 9 3.13 33.23 -33.66
CA ASP B 9 2.26 33.18 -32.50
C ASP B 9 2.20 31.76 -31.94
N HIS B 10 2.93 31.52 -30.85
CA HIS B 10 2.94 30.24 -30.19
C HIS B 10 1.88 30.12 -29.11
N SER B 11 1.25 31.22 -28.72
CA SER B 11 0.10 31.15 -27.82
C SER B 11 -1.04 30.37 -28.45
N ASP B 12 -1.22 30.51 -29.77
CA ASP B 12 -2.28 29.79 -30.46
C ASP B 12 -2.05 28.29 -30.40
N LEU B 13 -0.79 27.85 -30.53
CA LEU B 13 -0.50 26.42 -30.43
C LEU B 13 -0.80 25.89 -29.02
N VAL B 14 -0.42 26.64 -27.99
CA VAL B 14 -0.64 26.21 -26.62
C VAL B 14 -2.14 26.12 -26.32
N ALA B 15 -2.93 27.07 -26.81
CA ALA B 15 -4.37 27.07 -26.55
C ALA B 15 -5.02 25.78 -27.03
N GLU B 16 -4.66 25.32 -28.23
CA GLU B 16 -5.17 24.04 -28.71
C GLU B 16 -4.61 22.89 -27.88
N LEU B 17 -3.33 22.99 -27.48
CA LEU B 17 -2.77 21.99 -26.58
C LEU B 17 -3.51 21.99 -25.25
N LEU B 18 -3.83 23.17 -24.72
CA LEU B 18 -4.63 23.25 -23.51
C LEU B 18 -6.03 22.69 -23.74
N LYS B 19 -6.55 22.83 -24.95
CA LYS B 19 -7.86 22.26 -25.26
C LYS B 19 -7.77 20.74 -25.42
N GLU B 20 -6.73 20.25 -26.09
CA GLU B 20 -6.59 18.82 -26.31
C GLU B 20 -6.23 18.09 -25.02
N LEU B 21 -5.22 18.59 -24.29
CA LEU B 21 -4.75 17.91 -23.09
C LEU B 21 -5.70 18.06 -21.91
N SER B 22 -6.69 18.94 -21.98
CA SER B 22 -7.69 19.02 -20.93
C SER B 22 -8.70 17.88 -21.01
N ASN B 23 -8.66 17.07 -22.06
CA ASN B 23 -9.53 15.91 -22.18
C ASN B 23 -8.83 14.75 -21.49
N HIS B 24 -8.92 14.75 -20.16
CA HIS B 24 -8.22 13.75 -19.36
C HIS B 24 -8.98 12.43 -19.38
N ASN B 25 -8.24 11.34 -19.51
CA ASN B 25 -8.72 9.96 -19.56
C ASN B 25 -9.50 9.66 -20.84
N GLU B 26 -9.63 10.62 -21.74
CA GLU B 26 -10.31 10.44 -23.02
C GLU B 26 -9.45 11.04 -24.13
N ARG B 27 -9.73 10.61 -25.36
CA ARG B 27 -8.97 11.04 -26.54
C ARG B 27 -7.49 10.72 -26.35
N VAL B 28 -7.20 9.42 -26.31
CA VAL B 28 -5.87 8.96 -25.94
C VAL B 28 -4.87 9.26 -27.06
N GLU B 29 -5.23 8.92 -28.30
CA GLU B 29 -4.30 9.06 -29.41
C GLU B 29 -4.14 10.53 -29.80
N GLU B 30 -5.22 11.32 -29.72
CA GLU B 30 -5.12 12.73 -30.05
C GLU B 30 -4.27 13.48 -29.04
N ARG B 31 -4.30 13.04 -27.77
CA ARG B 31 -3.47 13.66 -26.73
C ARG B 31 -2.02 13.21 -26.82
N LYS B 32 -1.77 11.99 -27.31
CA LYS B 32 -0.40 11.56 -27.54
C LYS B 32 0.29 12.43 -28.57
N ILE B 33 -0.46 12.87 -29.59
CA ILE B 33 0.09 13.79 -30.58
C ILE B 33 0.51 15.09 -29.91
N ALA B 34 -0.35 15.62 -29.04
CA ALA B 34 -0.04 16.87 -28.35
C ALA B 34 1.18 16.72 -27.45
N LEU B 35 1.28 15.59 -26.73
CA LEU B 35 2.41 15.40 -25.82
C LEU B 35 3.72 15.25 -26.58
N TYR B 36 3.72 14.50 -27.69
CA TYR B 36 4.93 14.38 -28.50
C TYR B 36 5.32 15.72 -29.12
N GLU B 37 4.33 16.51 -29.52
CA GLU B 37 4.60 17.83 -30.06
C GLU B 37 5.21 18.76 -29.02
N LEU B 38 4.71 18.70 -27.78
CA LEU B 38 5.26 19.54 -26.71
C LEU B 38 6.74 19.24 -26.48
N MET B 39 7.15 17.99 -26.62
CA MET B 39 8.56 17.64 -26.43
C MET B 39 9.43 18.26 -27.51
N LYS B 40 8.95 18.29 -28.75
CA LYS B 40 9.72 18.91 -29.83
C LYS B 40 9.86 20.42 -29.62
N LEU B 41 8.78 21.08 -29.19
CA LEU B 41 8.84 22.51 -28.91
C LEU B 41 9.84 22.82 -27.81
N THR B 42 10.03 21.90 -26.86
CA THR B 42 10.98 22.12 -25.79
C THR B 42 12.42 22.16 -26.31
N GLN B 43 12.75 21.32 -27.30
CA GLN B 43 14.12 21.31 -27.82
C GLN B 43 14.47 22.58 -28.58
N GLU B 44 13.46 23.31 -29.08
CA GLU B 44 13.71 24.44 -29.95
C GLU B 44 14.07 25.69 -29.15
N GLU B 45 14.29 26.80 -29.87
CA GLU B 45 14.42 28.11 -29.26
C GLU B 45 13.03 28.72 -29.06
N SER B 46 12.19 27.94 -28.36
CA SER B 46 10.80 28.33 -28.08
C SER B 46 10.66 28.93 -26.69
N PHE B 47 11.59 29.81 -26.31
CA PHE B 47 11.52 30.45 -25.01
C PHE B 47 10.32 31.39 -24.89
N SER B 48 9.72 31.78 -26.01
CA SER B 48 8.52 32.61 -25.96
C SER B 48 7.36 31.87 -25.30
N VAL B 49 7.30 30.55 -25.48
CA VAL B 49 6.25 29.75 -24.84
C VAL B 49 6.39 29.80 -23.32
N TRP B 50 7.62 29.74 -22.82
CA TRP B 50 7.84 29.49 -21.40
C TRP B 50 7.65 30.73 -20.54
N ASP B 51 7.80 31.93 -21.13
CA ASP B 51 7.60 33.16 -20.35
C ASP B 51 6.15 33.34 -19.92
N GLU B 52 5.20 32.78 -20.69
CA GLU B 52 3.79 33.00 -20.42
C GLU B 52 3.00 31.73 -20.10
N HIS B 53 3.50 30.55 -20.48
CA HIS B 53 2.72 29.33 -20.35
C HIS B 53 3.48 28.22 -19.64
N PHE B 54 4.54 28.54 -18.90
CA PHE B 54 5.28 27.49 -18.20
C PHE B 54 4.42 26.88 -17.09
N LYS B 55 3.94 27.71 -16.17
CA LYS B 55 3.09 27.23 -15.09
C LYS B 55 1.88 26.48 -15.64
N THR B 56 1.22 27.04 -16.67
CA THR B 56 0.07 26.38 -17.27
C THR B 56 0.43 25.01 -17.80
N ILE B 57 1.57 24.88 -18.47
CA ILE B 57 1.98 23.58 -19.01
C ILE B 57 2.37 22.63 -17.89
N LEU B 58 3.12 23.13 -16.90
CA LEU B 58 3.57 22.28 -15.80
C LEU B 58 2.39 21.70 -15.03
N LEU B 59 1.44 22.55 -14.65
CA LEU B 59 0.29 22.08 -13.88
C LEU B 59 -0.56 21.11 -14.70
N LEU B 60 -0.73 21.39 -15.99
CA LEU B 60 -1.47 20.47 -16.85
C LEU B 60 -0.70 19.17 -17.08
N LEU B 61 0.63 19.24 -17.10
CA LEU B 61 1.44 18.03 -17.26
C LEU B 61 1.48 17.21 -15.98
N LEU B 62 1.36 17.86 -14.81
CA LEU B 62 1.37 17.13 -13.55
C LEU B 62 0.02 16.49 -13.26
N GLU B 63 -1.08 17.17 -13.60
CA GLU B 63 -2.40 16.55 -13.50
C GLU B 63 -2.52 15.37 -14.46
N THR B 64 -1.86 15.46 -15.63
CA THR B 64 -1.88 14.38 -16.61
C THR B 64 -1.28 13.09 -16.05
N LEU B 65 -0.40 13.19 -15.05
CA LEU B 65 0.20 12.02 -14.42
C LEU B 65 -0.83 11.15 -13.70
N GLY B 66 -2.06 11.62 -13.53
CA GLY B 66 -3.09 10.83 -12.90
C GLY B 66 -4.02 10.18 -13.89
N ASP B 67 -3.59 10.08 -15.14
CA ASP B 67 -4.41 9.48 -16.18
C ASP B 67 -4.45 7.97 -16.03
N LYS B 68 -5.58 7.37 -16.40
CA LYS B 68 -5.71 5.92 -16.36
C LYS B 68 -4.88 5.22 -17.43
N GLU B 69 -4.47 5.93 -18.47
CA GLU B 69 -3.71 5.31 -19.55
C GLU B 69 -2.24 5.23 -19.15
N PRO B 70 -1.66 4.03 -19.02
CA PRO B 70 -0.24 3.95 -18.64
C PRO B 70 0.69 4.55 -19.66
N THR B 71 0.29 4.55 -20.94
CA THR B 71 1.13 5.17 -21.97
C THR B 71 1.07 6.69 -21.90
N ILE B 72 -0.05 7.24 -21.44
CA ILE B 72 -0.15 8.68 -21.26
C ILE B 72 0.68 9.14 -20.06
N ARG B 73 0.62 8.39 -18.95
CA ARG B 73 1.43 8.74 -17.79
C ARG B 73 2.91 8.67 -18.12
N ALA B 74 3.36 7.55 -18.69
CA ALA B 74 4.78 7.41 -19.00
C ALA B 74 5.24 8.45 -20.01
N LEU B 75 4.33 8.91 -20.87
CA LEU B 75 4.69 9.93 -21.86
C LEU B 75 4.79 11.30 -21.22
N ALA B 76 3.85 11.64 -20.34
CA ALA B 76 3.91 12.92 -19.63
C ALA B 76 5.16 13.02 -18.77
N LEU B 77 5.63 11.89 -18.23
CA LEU B 77 6.86 11.90 -17.45
C LEU B 77 8.08 12.09 -18.36
N LYS B 78 8.02 11.64 -19.60
CA LYS B 78 9.11 11.88 -20.54
C LYS B 78 9.12 13.33 -21.02
N VAL B 79 7.94 13.90 -21.28
CA VAL B 79 7.87 15.31 -21.63
C VAL B 79 8.31 16.17 -20.46
N LEU B 80 7.86 15.81 -19.24
CA LEU B 80 8.29 16.53 -18.05
C LEU B 80 9.80 16.42 -17.87
N ARG B 81 10.37 15.26 -18.19
CA ARG B 81 11.82 15.09 -18.12
C ARG B 81 12.52 16.07 -19.05
N GLU B 82 11.95 16.31 -20.23
CA GLU B 82 12.57 17.24 -21.18
C GLU B 82 12.41 18.68 -20.73
N ILE B 83 11.23 19.05 -20.24
CA ILE B 83 11.03 20.40 -19.72
C ILE B 83 11.92 20.64 -18.51
N LEU B 84 12.28 19.57 -17.80
CA LEU B 84 13.15 19.70 -16.63
C LEU B 84 14.58 20.06 -17.05
N ARG B 85 15.07 19.48 -18.15
CA ARG B 85 16.45 19.70 -18.57
C ARG B 85 16.63 20.87 -19.50
N HIS B 86 15.55 21.44 -20.04
CA HIS B 86 15.65 22.64 -20.86
C HIS B 86 15.31 23.92 -20.11
N GLN B 87 14.48 23.83 -19.07
CA GLN B 87 14.09 25.00 -18.26
C GLN B 87 14.22 24.66 -16.78
N PRO B 88 15.42 24.31 -16.31
CA PRO B 88 15.56 23.91 -14.90
C PRO B 88 15.40 25.07 -13.94
N ALA B 89 15.81 26.27 -14.33
CA ALA B 89 15.71 27.43 -13.45
C ALA B 89 14.27 27.88 -13.24
N ARG B 90 13.32 27.36 -13.99
CA ARG B 90 11.92 27.76 -13.88
C ARG B 90 11.17 26.97 -12.81
N PHE B 91 11.75 25.88 -12.31
CA PHE B 91 11.12 25.07 -11.28
C PHE B 91 11.47 25.54 -9.87
N LYS B 92 12.04 26.76 -9.75
CA LYS B 92 12.44 27.28 -8.45
C LYS B 92 11.26 27.28 -7.46
N ASN B 93 10.12 27.82 -7.88
CA ASN B 93 8.96 27.90 -7.02
C ASN B 93 8.10 26.64 -7.04
N TYR B 94 8.54 25.60 -7.75
CA TYR B 94 7.77 24.38 -7.89
C TYR B 94 8.60 23.13 -7.59
N ALA B 95 9.66 23.27 -6.79
CA ALA B 95 10.51 22.12 -6.50
C ALA B 95 9.74 21.04 -5.75
N GLU B 96 9.13 21.41 -4.61
CA GLU B 96 8.41 20.43 -3.80
C GLU B 96 7.29 19.77 -4.58
N LEU B 97 6.56 20.56 -5.38
CA LEU B 97 5.46 20.00 -6.16
C LEU B 97 5.96 19.01 -7.21
N THR B 98 7.03 19.37 -7.91
CA THR B 98 7.54 18.49 -8.96
C THR B 98 8.20 17.25 -8.38
N VAL B 99 8.90 17.38 -7.25
CA VAL B 99 9.54 16.23 -6.62
C VAL B 99 8.50 15.22 -6.16
N MET B 100 7.50 15.69 -5.39
CA MET B 100 6.55 14.78 -4.77
C MET B 100 5.68 14.07 -5.79
N LYS B 101 5.39 14.71 -6.92
CA LYS B 101 4.59 14.05 -7.95
C LYS B 101 5.41 12.99 -8.68
N THR B 102 6.68 13.29 -8.99
CA THR B 102 7.54 12.29 -9.59
C THR B 102 7.78 11.12 -8.64
N LEU B 103 7.87 11.41 -7.34
CA LEU B 103 8.02 10.36 -6.35
C LEU B 103 6.75 9.53 -6.21
N GLU B 104 5.59 10.16 -6.38
CA GLU B 104 4.34 9.43 -6.32
C GLU B 104 4.19 8.48 -7.50
N ALA B 105 4.73 8.85 -8.67
CA ALA B 105 4.70 7.98 -9.83
C ALA B 105 5.55 6.73 -9.64
N HIS B 106 6.50 6.75 -8.71
CA HIS B 106 7.35 5.59 -8.46
C HIS B 106 6.61 4.40 -7.88
N LYS B 107 5.36 4.57 -7.43
CA LYS B 107 4.58 3.47 -6.90
C LYS B 107 3.38 3.15 -7.80
N ASP B 108 3.52 3.43 -9.10
CA ASP B 108 2.56 3.02 -10.12
C ASP B 108 2.75 1.53 -10.42
N PRO B 109 1.67 0.83 -10.77
CA PRO B 109 1.79 -0.62 -11.02
C PRO B 109 2.55 -0.98 -12.30
N HIS B 110 2.69 -0.06 -13.26
CA HIS B 110 3.27 -0.39 -14.56
C HIS B 110 4.74 0.02 -14.61
N LYS B 111 5.61 -0.93 -14.97
CA LYS B 111 7.04 -0.67 -15.07
C LYS B 111 7.33 0.44 -16.08
N GLU B 112 6.56 0.50 -17.18
CA GLU B 112 6.82 1.49 -18.21
C GLU B 112 6.66 2.91 -17.67
N VAL B 113 5.84 3.08 -16.64
CA VAL B 113 5.66 4.39 -16.02
C VAL B 113 6.75 4.65 -15.00
N VAL B 114 7.08 3.63 -14.20
CA VAL B 114 8.15 3.77 -13.20
C VAL B 114 9.48 4.05 -13.89
N ARG B 115 9.76 3.37 -15.00
CA ARG B 115 10.98 3.62 -15.75
C ARG B 115 11.04 5.07 -16.21
N SER B 116 9.92 5.60 -16.71
CA SER B 116 9.85 6.98 -17.15
C SER B 116 9.94 7.94 -15.97
N ALA B 117 9.51 7.49 -14.79
CA ALA B 117 9.61 8.28 -13.57
C ALA B 117 11.02 8.27 -13.01
N GLU B 118 11.72 7.14 -13.13
CA GLU B 118 13.11 7.07 -12.69
C GLU B 118 14.00 8.02 -13.48
N GLU B 119 13.71 8.24 -14.77
CA GLU B 119 14.49 9.18 -15.55
C GLU B 119 14.13 10.62 -15.23
N ALA B 120 12.85 10.91 -15.03
CA ALA B 120 12.44 12.27 -14.67
C ALA B 120 13.02 12.66 -13.31
N ALA B 121 13.00 11.74 -12.35
CA ALA B 121 13.63 11.99 -11.07
C ALA B 121 15.15 12.04 -11.18
N SER B 122 15.72 11.46 -12.24
CA SER B 122 17.16 11.54 -12.47
C SER B 122 17.55 12.91 -13.01
N VAL B 123 16.83 13.38 -14.02
CA VAL B 123 17.09 14.73 -14.55
C VAL B 123 16.73 15.79 -13.51
N LEU B 124 15.71 15.53 -12.69
CA LEU B 124 15.31 16.51 -11.68
C LEU B 124 16.42 16.68 -10.64
N ALA B 125 17.18 15.62 -10.36
CA ALA B 125 18.24 15.71 -9.38
C ALA B 125 19.42 16.51 -9.89
N THR B 126 19.66 16.51 -11.20
CA THR B 126 20.82 17.18 -11.77
C THR B 126 20.49 18.50 -12.46
N SER B 127 19.21 18.80 -12.67
CA SER B 127 18.80 20.06 -13.30
C SER B 127 18.28 21.07 -12.29
N ILE B 128 17.47 20.64 -11.32
CA ILE B 128 16.90 21.56 -10.34
C ILE B 128 17.98 22.09 -9.41
N SER B 129 17.78 23.33 -8.96
CA SER B 129 18.74 24.00 -8.08
C SER B 129 19.13 23.12 -6.90
N PRO B 130 20.42 22.98 -6.61
CA PRO B 130 20.83 21.97 -5.62
C PRO B 130 20.47 22.35 -4.19
N GLU B 131 20.59 23.61 -3.82
CA GLU B 131 20.26 24.00 -2.45
C GLU B 131 18.78 23.81 -2.15
N GLN B 132 17.92 24.15 -3.10
CA GLN B 132 16.48 23.94 -2.89
C GLN B 132 16.10 22.46 -2.96
N CYS B 133 16.78 21.69 -3.81
CA CYS B 133 16.42 20.28 -3.98
C CYS B 133 16.69 19.49 -2.71
N ILE B 134 17.78 19.79 -2.01
CA ILE B 134 18.08 19.09 -0.76
C ILE B 134 17.01 19.35 0.28
N LYS B 135 16.58 20.61 0.41
CA LYS B 135 15.60 20.96 1.43
C LYS B 135 14.23 20.37 1.16
N VAL B 136 13.93 20.00 -0.09
CA VAL B 136 12.69 19.28 -0.37
C VAL B 136 12.85 17.80 -0.03
N LEU B 137 14.02 17.24 -0.29
CA LEU B 137 14.22 15.80 -0.13
C LEU B 137 14.34 15.38 1.33
N CYS B 138 14.86 16.27 2.19
CA CYS B 138 15.07 15.91 3.59
C CYS B 138 13.77 15.52 4.30
N PRO B 139 12.72 16.35 4.30
CA PRO B 139 11.48 15.92 4.98
C PRO B 139 10.82 14.71 4.33
N ILE B 140 10.95 14.55 3.02
CA ILE B 140 10.40 13.38 2.35
C ILE B 140 11.12 12.12 2.82
N ILE B 141 12.45 12.16 2.85
CA ILE B 141 13.23 10.98 3.25
C ILE B 141 12.85 10.54 4.66
N GLN B 142 12.69 11.50 5.58
CA GLN B 142 12.45 11.18 6.97
C GLN B 142 11.03 10.72 7.25
N THR B 143 10.09 10.95 6.32
CA THR B 143 8.68 10.68 6.57
C THR B 143 7.99 9.80 5.54
N ALA B 144 8.60 9.50 4.41
CA ALA B 144 7.92 8.73 3.37
C ALA B 144 8.07 7.23 3.62
N ASP B 145 7.15 6.46 3.03
CA ASP B 145 7.18 5.02 3.10
C ASP B 145 7.84 4.45 1.85
N TYR B 146 8.23 3.18 1.95
CA TYR B 146 8.81 2.48 0.80
C TYR B 146 7.78 2.39 -0.32
N PRO B 147 8.18 2.56 -1.59
CA PRO B 147 9.56 2.81 -2.04
C PRO B 147 9.88 4.28 -2.31
N ILE B 148 9.05 5.20 -1.82
CA ILE B 148 9.30 6.62 -2.07
C ILE B 148 10.54 7.09 -1.32
N ASN B 149 10.72 6.60 -0.09
CA ASN B 149 11.93 6.95 0.65
C ASN B 149 13.18 6.46 -0.05
N LEU B 150 13.12 5.28 -0.68
CA LEU B 150 14.25 4.77 -1.43
C LEU B 150 14.55 5.65 -2.64
N ALA B 151 13.52 6.08 -3.36
CA ALA B 151 13.72 6.94 -4.52
C ALA B 151 14.29 8.29 -4.11
N ALA B 152 13.81 8.84 -2.99
CA ALA B 152 14.28 10.16 -2.55
C ALA B 152 15.73 10.13 -2.09
N ILE B 153 16.17 9.03 -1.48
CA ILE B 153 17.57 8.93 -1.04
C ILE B 153 18.49 8.85 -2.25
N LYS B 154 18.16 8.00 -3.22
CA LYS B 154 18.94 7.95 -4.45
C LYS B 154 18.95 9.29 -5.17
N MET B 155 17.83 10.01 -5.12
CA MET B 155 17.78 11.34 -5.73
C MET B 155 18.72 12.30 -5.01
N GLN B 156 18.72 12.27 -3.68
CA GLN B 156 19.60 13.15 -2.91
C GLN B 156 21.06 12.87 -3.19
N THR B 157 21.42 11.62 -3.50
CA THR B 157 22.80 11.29 -3.83
C THR B 157 23.27 12.03 -5.07
N LYS B 158 22.42 12.10 -6.09
CA LYS B 158 22.77 12.84 -7.30
C LYS B 158 22.90 14.33 -7.03
N VAL B 159 22.12 14.86 -6.09
CA VAL B 159 22.18 16.30 -5.83
C VAL B 159 23.43 16.66 -5.03
N ILE B 160 23.88 15.77 -4.16
CA ILE B 160 25.07 16.05 -3.35
C ILE B 160 26.31 16.15 -4.24
N GLU B 161 26.34 15.39 -5.34
CA GLU B 161 27.46 15.47 -6.29
C GLU B 161 27.57 16.83 -6.95
N ARG B 162 26.59 17.72 -6.77
CA ARG B 162 26.53 18.98 -7.47
C ARG B 162 26.82 20.19 -6.59
N VAL B 163 27.00 20.00 -5.29
CA VAL B 163 27.23 21.12 -4.38
C VAL B 163 28.70 21.20 -3.99
N SER B 164 29.16 22.42 -3.79
CA SER B 164 30.50 22.66 -3.27
C SER B 164 30.56 22.25 -1.80
N LYS B 165 31.79 22.18 -1.27
CA LYS B 165 31.94 21.80 0.13
C LYS B 165 31.32 22.83 1.06
N GLU B 166 31.29 24.11 0.65
CA GLU B 166 30.66 25.13 1.47
C GLU B 166 29.15 24.94 1.55
N THR B 167 28.53 24.55 0.44
CA THR B 167 27.08 24.34 0.46
C THR B 167 26.71 23.08 1.24
N LEU B 168 27.48 22.01 1.07
CA LEU B 168 27.15 20.74 1.72
C LEU B 168 27.30 20.82 3.23
N ASN B 169 28.32 21.52 3.72
CA ASN B 169 28.55 21.60 5.16
C ASN B 169 27.39 22.30 5.87
N LEU B 170 26.86 23.37 5.27
CA LEU B 170 25.75 24.07 5.90
C LEU B 170 24.49 23.22 5.95
N LEU B 171 24.27 22.36 4.97
CA LEU B 171 23.06 21.55 4.87
C LEU B 171 23.16 20.19 5.55
N LEU B 172 24.34 19.80 6.04
CA LEU B 172 24.48 18.50 6.67
C LEU B 172 23.59 18.27 7.89
N PRO B 173 23.43 19.25 8.82
CA PRO B 173 22.51 19.01 9.96
C PRO B 173 21.11 18.61 9.55
N GLU B 174 20.69 18.96 8.33
CA GLU B 174 19.39 18.55 7.82
C GLU B 174 19.45 17.27 7.00
N ILE B 175 20.60 16.96 6.40
CA ILE B 175 20.73 15.75 5.59
C ILE B 175 20.93 14.52 6.46
N MET B 176 21.79 14.63 7.48
CA MET B 176 22.18 13.45 8.25
C MET B 176 21.03 12.75 8.99
N PRO B 177 20.01 13.43 9.53
CA PRO B 177 18.93 12.68 10.20
C PRO B 177 18.28 11.61 9.32
N GLY B 178 17.87 11.96 8.10
CA GLY B 178 17.25 10.99 7.23
C GLY B 178 18.18 9.87 6.80
N LEU B 179 19.49 10.14 6.74
CA LEU B 179 20.43 9.12 6.31
C LEU B 179 20.70 8.10 7.42
N ILE B 180 20.82 8.56 8.67
CA ILE B 180 20.99 7.63 9.77
C ILE B 180 19.71 6.83 9.99
N GLN B 181 18.55 7.48 9.80
CA GLN B 181 17.28 6.79 9.99
C GLN B 181 17.07 5.71 8.93
N GLY B 182 17.37 6.03 7.66
CA GLY B 182 17.25 5.05 6.60
C GLY B 182 18.25 3.92 6.69
N TYR B 183 19.34 4.11 7.43
CA TYR B 183 20.30 3.03 7.63
C TYR B 183 19.75 1.93 8.52
N ASP B 184 18.76 2.23 9.36
CA ASP B 184 18.08 1.25 10.18
C ASP B 184 16.81 0.71 9.52
N ASN B 185 16.55 1.08 8.27
CA ASN B 185 15.30 0.71 7.62
C ASN B 185 15.20 -0.79 7.43
N SER B 186 13.96 -1.30 7.47
CA SER B 186 13.74 -2.72 7.30
C SER B 186 14.14 -3.19 5.91
N GLU B 187 14.06 -2.31 4.91
CA GLU B 187 14.37 -2.66 3.53
C GLU B 187 15.88 -2.52 3.30
N SER B 188 16.48 -3.56 2.71
CA SER B 188 17.91 -3.53 2.46
C SER B 188 18.29 -2.54 1.39
N SER B 189 17.40 -2.29 0.42
CA SER B 189 17.69 -1.32 -0.63
C SER B 189 17.79 0.09 -0.07
N VAL B 190 17.02 0.41 0.97
CA VAL B 190 17.11 1.73 1.59
C VAL B 190 18.44 1.88 2.33
N ARG B 191 18.86 0.81 3.03
CA ARG B 191 20.13 0.88 3.76
C ARG B 191 21.30 1.09 2.81
N LYS B 192 21.29 0.43 1.65
CA LYS B 192 22.39 0.61 0.70
C LYS B 192 22.35 1.99 0.06
N ALA B 193 21.16 2.47 -0.29
CA ALA B 193 21.04 3.82 -0.84
C ALA B 193 21.59 4.88 0.11
N CYS B 194 21.42 4.66 1.42
CA CYS B 194 21.98 5.60 2.39
C CYS B 194 23.51 5.50 2.43
N VAL B 195 24.04 4.29 2.34
CA VAL B 195 25.49 4.11 2.32
C VAL B 195 26.11 4.82 1.12
N PHE B 196 25.52 4.62 -0.06
CA PHE B 196 26.02 5.29 -1.25
C PHE B 196 25.80 6.79 -1.18
N CYS B 197 24.76 7.23 -0.46
CA CYS B 197 24.62 8.66 -0.21
C CYS B 197 25.70 9.14 0.75
N LEU B 198 26.03 8.34 1.76
CA LEU B 198 27.12 8.69 2.66
C LEU B 198 28.47 8.59 1.96
N VAL B 199 28.60 7.67 0.99
CA VAL B 199 29.80 7.65 0.16
C VAL B 199 29.92 8.95 -0.62
N ALA B 200 28.79 9.49 -1.08
CA ALA B 200 28.82 10.77 -1.78
C ALA B 200 29.18 11.91 -0.82
N VAL B 201 28.75 11.81 0.44
CA VAL B 201 29.12 12.82 1.43
C VAL B 201 30.60 12.72 1.77
N HIS B 202 31.11 11.48 1.85
CA HIS B 202 32.54 11.29 2.11
C HIS B 202 33.39 11.86 1.00
N ALA B 203 32.94 11.74 -0.25
CA ALA B 203 33.73 12.21 -1.37
C ALA B 203 33.93 13.72 -1.35
N VAL B 204 33.01 14.45 -0.72
CA VAL B 204 33.08 15.91 -0.72
C VAL B 204 33.84 16.45 0.49
N ILE B 205 33.47 16.03 1.70
CA ILE B 205 33.98 16.67 2.92
C ILE B 205 35.07 15.86 3.60
N GLY B 206 35.41 14.68 3.10
CA GLY B 206 36.50 13.93 3.70
C GLY B 206 36.20 13.53 5.14
N ASP B 207 37.18 13.78 6.02
CA ASP B 207 37.06 13.38 7.42
C ASP B 207 36.07 14.22 8.21
N GLU B 208 35.55 15.32 7.65
CA GLU B 208 34.57 16.11 8.37
C GLU B 208 33.28 15.35 8.64
N LEU B 209 33.04 14.25 7.92
CA LEU B 209 31.87 13.43 8.16
C LEU B 209 31.94 12.68 9.48
N LYS B 210 33.16 12.48 10.01
CA LYS B 210 33.33 11.64 11.20
C LYS B 210 32.49 12.09 12.39
N PRO B 211 32.45 13.38 12.76
CA PRO B 211 31.62 13.76 13.92
C PRO B 211 30.13 13.50 13.74
N HIS B 212 29.63 13.48 12.49
CA HIS B 212 28.20 13.25 12.28
C HIS B 212 27.80 11.79 12.51
N LEU B 213 28.74 10.86 12.40
CA LEU B 213 28.47 9.43 12.51
C LEU B 213 28.66 8.88 13.92
N SER B 214 28.73 9.76 14.93
CA SER B 214 29.03 9.30 16.29
C SER B 214 27.99 8.31 16.82
N GLN B 215 26.73 8.43 16.39
CA GLN B 215 25.67 7.54 16.84
C GLN B 215 25.57 6.25 16.04
N LEU B 216 26.51 5.98 15.15
CA LEU B 216 26.49 4.76 14.36
C LEU B 216 27.11 3.61 15.12
N THR B 217 26.55 2.41 14.93
CA THR B 217 27.09 1.20 15.55
C THR B 217 28.40 0.80 14.87
N GLY B 218 29.12 -0.11 15.53
CA GLY B 218 30.40 -0.54 14.99
C GLY B 218 30.27 -1.30 13.68
N SER B 219 29.23 -2.13 13.55
CA SER B 219 29.05 -2.90 12.32
C SER B 219 28.62 -2.01 11.16
N LYS B 220 27.84 -0.95 11.43
CA LYS B 220 27.44 -0.04 10.36
C LYS B 220 28.56 0.92 10.00
N MET B 221 29.34 1.37 10.98
CA MET B 221 30.54 2.15 10.68
C MET B 221 31.50 1.35 9.83
N LYS B 222 31.70 0.08 10.16
CA LYS B 222 32.61 -0.78 9.40
C LYS B 222 32.11 -0.98 7.98
N LEU B 223 30.82 -1.28 7.82
CA LEU B 223 30.25 -1.48 6.48
C LEU B 223 30.37 -0.23 5.63
N LEU B 224 30.18 0.94 6.22
CA LEU B 224 30.22 2.18 5.45
C LEU B 224 31.62 2.47 4.92
N ASN B 225 32.63 2.36 5.79
CA ASN B 225 34.02 2.55 5.35
C ASN B 225 34.42 1.56 4.26
N LEU B 226 33.83 0.36 4.26
CA LEU B 226 34.15 -0.61 3.22
C LEU B 226 33.73 -0.09 1.84
N TYR B 227 32.52 0.47 1.74
CA TYR B 227 32.08 1.03 0.47
C TYR B 227 32.71 2.39 0.21
N ILE B 228 33.14 3.08 1.27
CA ILE B 228 33.95 4.29 1.12
C ILE B 228 35.31 3.92 0.54
N LYS B 229 35.90 2.82 1.02
CA LYS B 229 37.20 2.37 0.51
C LYS B 229 37.14 2.09 -0.98
N ARG B 230 36.04 1.51 -1.46
CA ARG B 230 35.91 1.22 -2.89
C ARG B 230 35.92 2.50 -3.71
N ALA B 231 35.34 3.58 -3.20
CA ALA B 231 35.31 4.84 -3.94
C ALA B 231 36.69 5.46 -4.07
N GLN B 232 37.57 5.23 -3.10
CA GLN B 232 38.90 5.84 -3.14
C GLN B 232 39.87 5.08 -4.03
N THR B 233 39.72 3.76 -4.14
CA THR B 233 40.66 2.96 -4.94
C THR B 233 40.52 3.26 -6.42
N GLY B 234 39.28 3.31 -6.91
CA GLY B 234 39.03 3.58 -8.32
C GLY B 234 37.66 3.15 -8.79
N GLU C 12 -8.88 27.79 68.43
CA GLU C 12 -7.71 27.17 67.81
C GLU C 12 -8.10 25.98 66.94
N ASN C 13 -9.00 25.15 67.46
CA ASN C 13 -9.51 24.04 66.66
C ASN C 13 -10.36 24.54 65.49
N ILE C 14 -11.00 25.70 65.65
CA ILE C 14 -11.70 26.32 64.53
C ILE C 14 -10.71 26.73 63.45
N GLU C 15 -9.52 27.20 63.86
CA GLU C 15 -8.51 27.59 62.89
C GLU C 15 -8.05 26.40 62.06
N SER C 16 -7.85 25.25 62.71
CA SER C 16 -7.46 24.03 61.99
C SER C 16 -8.55 23.57 61.04
N GLU C 17 -9.82 23.67 61.46
CA GLU C 17 -10.92 23.26 60.60
C GLU C 17 -10.97 24.13 59.34
N LEU C 18 -10.78 25.44 59.50
CA LEU C 18 -10.71 26.32 58.34
C LEU C 18 -9.51 25.99 57.46
N ASN C 19 -8.37 25.72 58.10
CA ASN C 19 -7.13 25.45 57.38
C ASN C 19 -7.25 24.19 56.53
N SER C 20 -7.89 23.14 57.06
CA SER C 20 -8.05 21.92 56.28
C SER C 20 -9.08 22.09 55.18
N LEU C 21 -10.18 22.81 55.47
CA LEU C 21 -11.23 23.01 54.48
C LEU C 21 -10.74 23.87 53.31
N ARG C 22 -9.94 24.90 53.60
CA ARG C 22 -9.43 25.75 52.53
C ARG C 22 -8.54 24.96 51.58
N ALA C 23 -7.70 24.08 52.10
CA ALA C 23 -6.87 23.24 51.24
C ALA C 23 -7.72 22.28 50.42
N ASP C 24 -8.72 21.66 51.05
CA ASP C 24 -9.60 20.73 50.34
C ASP C 24 -10.41 21.46 49.27
N TYR C 25 -10.80 22.70 49.52
CA TYR C 25 -11.52 23.47 48.52
C TYR C 25 -10.64 23.78 47.31
N ASP C 26 -9.37 24.10 47.55
CA ASP C 26 -8.45 24.34 46.45
C ASP C 26 -8.20 23.07 45.65
N ASN C 27 -8.17 21.91 46.32
CA ASN C 27 -8.03 20.65 45.59
C ASN C 27 -9.26 20.36 44.76
N LEU C 28 -10.45 20.68 45.29
CA LEU C 28 -11.68 20.48 44.54
C LEU C 28 -11.76 21.45 43.36
N VAL C 29 -11.27 22.68 43.55
CA VAL C 29 -11.22 23.64 42.45
C VAL C 29 -10.33 23.14 41.33
N LEU C 30 -9.14 22.65 41.68
CA LEU C 30 -8.23 22.13 40.68
C LEU C 30 -8.81 20.92 39.95
N ASP C 31 -9.45 20.01 40.70
CA ASP C 31 -10.08 18.85 40.07
C ASP C 31 -11.21 19.27 39.13
N TYR C 32 -12.00 20.25 39.53
CA TYR C 32 -13.09 20.71 38.66
C TYR C 32 -12.54 21.39 37.40
N GLU C 33 -11.50 22.22 37.56
CA GLU C 33 -10.90 22.86 36.40
C GLU C 33 -10.31 21.84 35.44
N GLN C 34 -9.67 20.79 35.99
CA GLN C 34 -9.11 19.75 35.14
C GLN C 34 -10.23 18.97 34.43
N LEU C 35 -11.36 18.78 35.12
CA LEU C 35 -12.47 18.05 34.52
C LEU C 35 -13.21 18.92 33.50
N ARG C 36 -13.32 20.22 33.78
CA ARG C 36 -13.98 21.12 32.83
C ARG C 36 -13.24 21.16 31.49
N THR C 37 -11.90 21.14 31.54
CA THR C 37 -11.13 21.05 30.30
C THR C 37 -11.28 19.67 29.66
N GLU C 38 -11.49 18.62 30.47
CA GLU C 38 -11.69 17.28 29.93
C GLU C 38 -13.05 17.16 29.26
N LYS C 39 -14.09 17.76 29.84
CA LYS C 39 -15.42 17.70 29.25
C LYS C 39 -15.50 18.46 27.93
N GLU C 40 -14.76 19.57 27.81
CA GLU C 40 -14.80 20.38 26.60
C GLU C 40 -14.18 19.64 25.41
N GLU C 41 -13.22 18.75 25.66
CA GLU C 41 -12.66 17.96 24.58
C GLU C 41 -13.69 17.00 24.01
N MET C 42 -14.49 16.38 24.89
CA MET C 42 -15.55 15.48 24.46
C MET C 42 -16.63 16.22 23.68
N GLU C 43 -16.89 17.49 24.02
CA GLU C 43 -17.83 18.29 23.25
C GLU C 43 -17.33 18.53 21.83
N LEU C 44 -16.07 18.93 21.68
CA LEU C 44 -15.50 19.14 20.37
C LEU C 44 -15.48 17.86 19.55
N LYS C 45 -15.20 16.72 20.20
CA LYS C 45 -15.19 15.46 19.49
C LYS C 45 -16.60 15.04 19.08
N LEU C 46 -17.57 15.27 19.95
CA LEU C 46 -18.96 14.95 19.61
C LEU C 46 -19.49 15.87 18.52
N LYS C 47 -19.16 17.17 18.60
CA LYS C 47 -19.64 18.11 17.60
C LYS C 47 -19.06 17.83 16.23
N GLU C 48 -17.77 17.46 16.18
CA GLU C 48 -17.14 17.12 14.90
C GLU C 48 -17.78 15.87 14.29
N LYS C 49 -18.04 14.86 15.12
CA LYS C 49 -18.69 13.65 14.62
C LYS C 49 -20.11 13.94 14.16
N ASN C 50 -20.82 14.80 14.88
CA ASN C 50 -22.20 15.11 14.53
C ASN C 50 -22.28 15.86 13.21
N ASP C 51 -21.43 16.89 13.04
CA ASP C 51 -21.38 17.61 11.77
C ASP C 51 -20.89 16.71 10.65
N LEU C 52 -20.06 15.71 10.97
CA LEU C 52 -19.62 14.77 9.95
C LEU C 52 -20.74 13.83 9.54
N ASP C 53 -21.49 13.31 10.51
CA ASP C 53 -22.62 12.45 10.18
C ASP C 53 -23.72 13.24 9.46
N GLU C 54 -23.85 14.54 9.74
CA GLU C 54 -24.75 15.38 8.96
C GLU C 54 -24.24 15.54 7.53
N PHE C 55 -22.93 15.70 7.37
CA PHE C 55 -22.35 15.79 6.03
C PHE C 55 -22.62 14.52 5.24
N GLU C 56 -22.39 13.35 5.86
CA GLU C 56 -22.66 12.09 5.19
C GLU C 56 -24.13 11.95 4.85
N ALA C 57 -25.01 12.49 5.71
CA ALA C 57 -26.44 12.44 5.43
C ALA C 57 -26.82 13.42 4.32
N LEU C 58 -26.21 14.61 4.32
CA LEU C 58 -26.47 15.56 3.24
C LEU C 58 -25.94 15.05 1.91
N GLU C 59 -24.86 14.27 1.94
CA GLU C 59 -24.32 13.67 0.73
C GLU C 59 -25.33 12.69 0.13
N ARG C 60 -25.96 11.86 0.97
CA ARG C 60 -26.91 10.88 0.48
C ARG C 60 -28.10 11.55 -0.20
N LYS C 61 -28.56 12.68 0.33
CA LYS C 61 -29.73 13.35 -0.24
C LYS C 61 -29.42 13.90 -1.64
N THR C 62 -28.22 14.44 -1.84
CA THR C 62 -27.87 14.96 -3.15
C THR C 62 -27.75 13.86 -4.19
N LYS C 63 -27.29 12.68 -3.79
CA LYS C 63 -27.22 11.56 -4.72
C LYS C 63 -28.60 11.04 -5.10
N LYS C 64 -29.52 10.98 -4.13
CA LYS C 64 -30.89 10.56 -4.43
C LYS C 64 -31.57 11.52 -5.42
N ASP C 65 -31.42 12.82 -5.18
CA ASP C 65 -32.07 13.81 -6.04
C ASP C 65 -31.38 13.99 -7.39
N GLN C 66 -30.13 13.55 -7.52
CA GLN C 66 -29.42 13.64 -8.79
C GLN C 66 -29.37 12.29 -9.48
N GLU D 12 13.62 -6.90 -63.14
CA GLU D 12 12.57 -6.44 -62.25
C GLU D 12 12.32 -7.48 -61.14
N ASN D 13 12.75 -8.71 -61.41
CA ASN D 13 12.70 -9.74 -60.38
C ASN D 13 13.60 -9.38 -59.20
N ILE D 14 14.78 -8.80 -59.49
CA ILE D 14 15.62 -8.25 -58.44
C ILE D 14 14.92 -7.09 -57.74
N GLU D 15 14.15 -6.31 -58.49
CA GLU D 15 13.44 -5.17 -57.91
C GLU D 15 12.39 -5.62 -56.89
N SER D 16 11.62 -6.66 -57.23
CA SER D 16 10.66 -7.20 -56.28
C SER D 16 11.34 -7.83 -55.08
N GLU D 17 12.43 -8.56 -55.32
CA GLU D 17 13.19 -9.16 -54.23
C GLU D 17 13.81 -8.07 -53.35
N LEU D 18 14.32 -7.01 -53.97
CA LEU D 18 14.88 -5.90 -53.19
C LEU D 18 13.81 -5.21 -52.35
N ASN D 19 12.62 -4.99 -52.93
CA ASN D 19 11.57 -4.30 -52.19
C ASN D 19 11.13 -5.11 -50.98
N SER D 20 11.00 -6.43 -51.13
CA SER D 20 10.61 -7.26 -50.00
C SER D 20 11.74 -7.37 -48.98
N LEU D 21 12.98 -7.48 -49.46
CA LEU D 21 14.12 -7.59 -48.54
C LEU D 21 14.33 -6.29 -47.78
N ARG D 22 14.14 -5.14 -48.44
CA ARG D 22 14.27 -3.86 -47.76
C ARG D 22 13.22 -3.72 -46.65
N ALA D 23 12.00 -4.19 -46.92
CA ALA D 23 10.96 -4.17 -45.89
C ALA D 23 11.33 -5.05 -44.71
N ASP D 24 11.85 -6.25 -45.00
CA ASP D 24 12.26 -7.15 -43.92
C ASP D 24 13.42 -6.57 -43.11
N TYR D 25 14.32 -5.83 -43.78
CA TYR D 25 15.43 -5.22 -43.06
C TYR D 25 14.97 -4.12 -42.11
N ASP D 26 14.03 -3.28 -42.56
CA ASP D 26 13.49 -2.25 -41.68
C ASP D 26 12.69 -2.85 -40.54
N ASN D 27 11.98 -3.96 -40.80
CA ASN D 27 11.25 -4.63 -39.73
C ASN D 27 12.20 -5.29 -38.74
N LEU D 28 13.31 -5.84 -39.24
CA LEU D 28 14.29 -6.44 -38.34
C LEU D 28 14.98 -5.38 -37.49
N VAL D 29 15.22 -4.19 -38.06
CA VAL D 29 15.78 -3.09 -37.29
C VAL D 29 14.84 -2.70 -36.16
N LEU D 30 13.54 -2.57 -36.48
CA LEU D 30 12.56 -2.21 -35.47
C LEU D 30 12.49 -3.26 -34.37
N ASP D 31 12.53 -4.54 -34.74
CA ASP D 31 12.54 -5.60 -33.74
C ASP D 31 13.80 -5.52 -32.86
N TYR D 32 14.93 -5.18 -33.48
CA TYR D 32 16.17 -5.02 -32.72
C TYR D 32 16.08 -3.86 -31.74
N GLU D 33 15.46 -2.75 -32.16
CA GLU D 33 15.29 -1.61 -31.26
C GLU D 33 14.47 -1.99 -30.04
N GLN D 34 13.38 -2.74 -30.25
CA GLN D 34 12.55 -3.17 -29.12
C GLN D 34 13.29 -4.17 -28.24
N LEU D 35 14.09 -5.06 -28.85
CA LEU D 35 14.77 -6.08 -28.07
C LEU D 35 15.96 -5.53 -27.29
N ARG D 36 16.75 -4.63 -27.88
CA ARG D 36 17.88 -4.06 -27.15
C ARG D 36 17.41 -3.24 -25.95
N THR D 37 16.31 -2.51 -26.09
CA THR D 37 15.77 -1.79 -24.94
C THR D 37 15.27 -2.76 -23.87
N GLU D 38 14.79 -3.92 -24.28
CA GLU D 38 14.38 -4.94 -23.31
C GLU D 38 15.58 -5.59 -22.67
N LYS D 39 16.64 -5.86 -23.45
CA LYS D 39 17.83 -6.48 -22.89
C LYS D 39 18.56 -5.52 -21.95
N GLU D 40 18.56 -4.23 -22.27
CA GLU D 40 19.20 -3.24 -21.40
C GLU D 40 18.44 -3.08 -20.10
N GLU D 41 17.12 -3.29 -20.12
CA GLU D 41 16.33 -3.22 -18.90
C GLU D 41 16.65 -4.39 -17.97
N MET D 42 16.79 -5.60 -18.52
CA MET D 42 17.12 -6.75 -17.70
C MET D 42 18.53 -6.64 -17.12
N GLU D 43 19.46 -6.01 -17.84
CA GLU D 43 20.79 -5.77 -17.28
C GLU D 43 20.72 -4.85 -16.07
N LEU D 44 19.96 -3.75 -16.19
CA LEU D 44 19.77 -2.86 -15.06
C LEU D 44 19.12 -3.58 -13.88
N LYS D 45 18.18 -4.48 -14.16
CA LYS D 45 17.53 -5.24 -13.08
C LYS D 45 18.49 -6.24 -12.46
N LEU D 46 19.30 -6.92 -13.28
CA LEU D 46 20.28 -7.86 -12.73
C LEU D 46 21.40 -7.15 -11.98
N LYS D 47 21.87 -6.01 -12.50
CA LYS D 47 22.95 -5.31 -11.83
C LYS D 47 22.51 -4.77 -10.48
N GLU D 48 21.27 -4.27 -10.40
CA GLU D 48 20.76 -3.80 -9.12
C GLU D 48 20.59 -4.96 -8.15
N LYS D 49 20.08 -6.10 -8.63
CA LYS D 49 19.93 -7.26 -7.77
C LYS D 49 21.28 -7.76 -7.28
N ASN D 50 22.27 -7.80 -8.17
CA ASN D 50 23.59 -8.29 -7.78
C ASN D 50 24.26 -7.35 -6.80
N ASP D 51 24.21 -6.05 -7.07
CA ASP D 51 24.76 -5.07 -6.13
C ASP D 51 24.01 -5.10 -4.80
N LEU D 52 22.72 -5.42 -4.84
CA LEU D 52 21.95 -5.55 -3.60
C LEU D 52 22.32 -6.83 -2.87
N ASP D 53 22.40 -7.96 -3.60
CA ASP D 53 22.80 -9.21 -2.98
C ASP D 53 24.24 -9.15 -2.49
N GLU D 54 25.08 -8.34 -3.16
CA GLU D 54 26.41 -8.08 -2.65
C GLU D 54 26.37 -7.31 -1.34
N PHE D 55 25.49 -6.31 -1.26
CA PHE D 55 25.34 -5.53 -0.03
C PHE D 55 24.83 -6.38 1.12
N GLU D 56 23.76 -7.15 0.88
CA GLU D 56 23.17 -7.95 1.95
C GLU D 56 24.17 -8.96 2.51
N ALA D 57 25.03 -9.52 1.65
CA ALA D 57 26.03 -10.46 2.13
C ALA D 57 27.12 -9.75 2.92
N LEU D 58 27.49 -8.54 2.48
CA LEU D 58 28.46 -7.75 3.23
C LEU D 58 27.91 -7.29 4.57
N GLU D 59 26.60 -7.05 4.66
CA GLU D 59 26.01 -6.64 5.93
C GLU D 59 26.11 -7.75 6.98
N ARG D 60 25.77 -8.99 6.60
CA ARG D 60 25.81 -10.09 7.56
C ARG D 60 27.23 -10.36 8.03
N LYS D 61 28.22 -10.23 7.14
CA LYS D 61 29.60 -10.49 7.52
C LYS D 61 30.12 -9.46 8.52
N THR D 62 29.73 -8.19 8.36
CA THR D 62 30.16 -7.16 9.30
C THR D 62 29.56 -7.39 10.68
N LYS D 63 28.32 -7.88 10.74
CA LYS D 63 27.73 -8.23 12.04
C LYS D 63 28.43 -9.44 12.63
N LYS D 64 28.78 -10.41 11.78
CA LYS D 64 29.57 -11.55 12.21
C LYS D 64 30.92 -11.12 12.78
N ASP D 65 31.56 -10.13 12.14
CA ASP D 65 32.88 -9.70 12.57
C ASP D 65 32.84 -8.95 13.90
N GLN D 66 31.78 -8.18 14.15
CA GLN D 66 31.65 -7.50 15.43
C GLN D 66 30.93 -8.37 16.44
N SER E 11 31.26 -40.95 -48.33
CA SER E 11 32.46 -41.29 -47.56
C SER E 11 33.59 -40.31 -47.88
N ASP E 12 33.69 -39.91 -49.15
CA ASP E 12 34.72 -38.97 -49.55
C ASP E 12 34.52 -37.61 -48.89
N LEU E 13 33.26 -37.18 -48.77
CA LEU E 13 32.98 -35.93 -48.07
C LEU E 13 33.38 -36.04 -46.60
N VAL E 14 33.05 -37.17 -45.97
CA VAL E 14 33.40 -37.38 -44.56
C VAL E 14 34.91 -37.41 -44.39
N ALA E 15 35.62 -38.05 -45.32
CA ALA E 15 37.08 -38.14 -45.22
C ALA E 15 37.72 -36.76 -45.20
N GLU E 16 37.22 -35.84 -46.04
CA GLU E 16 37.72 -34.47 -45.99
C GLU E 16 37.35 -33.79 -44.68
N LEU E 17 36.15 -34.06 -44.16
CA LEU E 17 35.76 -33.52 -42.87
C LEU E 17 36.62 -34.08 -41.74
N LEU E 18 36.86 -35.40 -41.76
CA LEU E 18 37.71 -36.02 -40.75
C LEU E 18 39.16 -35.53 -40.86
N LYS E 19 39.60 -35.20 -42.07
CA LYS E 19 40.97 -34.71 -42.25
C LYS E 19 41.12 -33.30 -41.70
N GLU E 20 40.13 -32.45 -41.91
CA GLU E 20 40.19 -31.07 -41.42
C GLU E 20 40.07 -31.01 -39.90
N LEU E 21 39.12 -31.76 -39.34
CA LEU E 21 38.85 -31.70 -37.91
C LEU E 21 39.97 -32.28 -37.06
N SER E 22 40.96 -32.96 -37.65
CA SER E 22 42.11 -33.41 -36.88
C SER E 22 43.07 -32.29 -36.54
N ASN E 23 42.86 -31.09 -37.09
CA ASN E 23 43.69 -29.93 -36.76
C ASN E 23 43.08 -29.23 -35.55
N HIS E 24 43.34 -29.80 -34.38
CA HIS E 24 42.80 -29.24 -33.15
C HIS E 24 43.63 -28.05 -32.69
N ASN E 25 42.95 -27.01 -32.23
CA ASN E 25 43.51 -25.73 -31.77
C ASN E 25 44.04 -24.88 -32.91
N GLU E 26 43.98 -25.35 -34.16
CA GLU E 26 44.43 -24.59 -35.31
C GLU E 26 43.38 -24.68 -36.42
N ARG E 27 43.49 -23.77 -37.39
CA ARG E 27 42.57 -23.68 -38.52
C ARG E 27 41.12 -23.50 -38.03
N VAL E 28 40.90 -22.32 -37.45
CA VAL E 28 39.61 -22.05 -36.80
C VAL E 28 38.51 -21.87 -37.83
N GLU E 29 38.77 -21.06 -38.86
CA GLU E 29 37.71 -20.72 -39.82
C GLU E 29 37.37 -21.88 -40.74
N GLU E 30 38.38 -22.66 -41.15
CA GLU E 30 38.12 -23.81 -42.01
C GLU E 30 37.37 -24.91 -41.27
N ARG E 31 37.61 -25.07 -39.97
CA ARG E 31 36.91 -26.07 -39.19
C ARG E 31 35.49 -25.63 -38.83
N LYS E 32 35.25 -24.32 -38.72
CA LYS E 32 33.89 -23.83 -38.51
C LYS E 32 32.98 -24.20 -39.67
N ILE E 33 33.51 -24.09 -40.90
CA ILE E 33 32.75 -24.50 -42.09
C ILE E 33 32.47 -25.99 -42.07
N ALA E 34 33.47 -26.79 -41.72
CA ALA E 34 33.32 -28.24 -41.73
C ALA E 34 32.23 -28.72 -40.78
N LEU E 35 32.15 -28.13 -39.58
CA LEU E 35 31.16 -28.56 -38.61
C LEU E 35 29.74 -28.23 -39.09
N TYR E 36 29.56 -27.07 -39.74
CA TYR E 36 28.25 -26.74 -40.28
C TYR E 36 27.84 -27.74 -41.37
N GLU E 37 28.79 -28.20 -42.18
CA GLU E 37 28.48 -29.23 -43.16
C GLU E 37 28.11 -30.55 -42.49
N LEU E 38 28.85 -30.94 -41.45
CA LEU E 38 28.53 -32.16 -40.72
C LEU E 38 27.16 -32.08 -40.07
N MET E 39 26.79 -30.90 -39.59
CA MET E 39 25.46 -30.73 -38.99
C MET E 39 24.37 -30.88 -40.03
N LYS E 40 24.62 -30.39 -41.25
CA LYS E 40 23.66 -30.56 -42.33
C LYS E 40 23.48 -32.03 -42.69
N LEU E 41 24.58 -32.78 -42.73
CA LEU E 41 24.52 -34.22 -43.00
C LEU E 41 23.70 -34.95 -41.95
N THR E 42 23.68 -34.43 -40.71
CA THR E 42 22.92 -35.08 -39.65
C THR E 42 21.42 -35.06 -39.94
N GLN E 43 20.93 -33.98 -40.55
CA GLN E 43 19.50 -33.89 -40.87
C GLN E 43 19.09 -34.89 -41.95
N GLU E 44 20.05 -35.43 -42.70
CA GLU E 44 19.72 -36.28 -43.85
C GLU E 44 19.32 -37.68 -43.39
N SER E 48 23.48 -43.76 -43.97
CA SER E 48 24.65 -44.35 -44.60
C SER E 48 25.94 -43.79 -44.01
N VAL E 49 25.90 -42.51 -43.60
CA VAL E 49 27.05 -41.89 -42.95
C VAL E 49 27.38 -42.61 -41.66
N TRP E 50 26.36 -42.93 -40.86
CA TRP E 50 26.55 -43.42 -39.50
C TRP E 50 26.85 -44.91 -39.45
N ASP E 51 26.58 -45.66 -40.53
CA ASP E 51 26.84 -47.10 -40.54
C ASP E 51 28.32 -47.41 -40.34
N GLU E 52 29.21 -46.51 -40.74
CA GLU E 52 30.65 -46.77 -40.67
C GLU E 52 31.44 -45.77 -39.84
N HIS E 53 30.92 -44.57 -39.59
CA HIS E 53 31.74 -43.51 -39.02
C HIS E 53 31.10 -42.85 -37.80
N PHE E 54 30.13 -43.50 -37.14
CA PHE E 54 29.53 -42.89 -35.97
C PHE E 54 30.55 -42.75 -34.84
N LYS E 55 31.17 -43.87 -34.45
CA LYS E 55 32.19 -43.84 -33.40
C LYS E 55 33.32 -42.87 -33.76
N THR E 56 33.79 -42.94 -35.00
CA THR E 56 34.87 -42.05 -35.44
C THR E 56 34.46 -40.59 -35.32
N ILE E 57 33.23 -40.26 -35.75
CA ILE E 57 32.77 -38.87 -35.66
C ILE E 57 32.56 -38.48 -34.20
N LEU E 58 31.93 -39.36 -33.42
CA LEU E 58 31.68 -39.06 -32.02
C LEU E 58 32.98 -38.85 -31.25
N LEU E 59 33.94 -39.76 -31.42
CA LEU E 59 35.20 -39.63 -30.71
C LEU E 59 35.95 -38.37 -31.17
N LEU E 60 35.92 -38.08 -32.46
CA LEU E 60 36.53 -36.85 -32.95
C LEU E 60 35.76 -35.62 -32.50
N LEU E 61 34.44 -35.73 -32.38
CA LEU E 61 33.65 -34.60 -31.90
C LEU E 61 33.82 -34.38 -30.41
N LEU E 62 34.10 -35.44 -29.66
CA LEU E 62 34.32 -35.30 -28.22
C LEU E 62 35.73 -34.79 -27.94
N GLU E 63 36.72 -35.23 -28.73
CA GLU E 63 38.05 -34.65 -28.64
C GLU E 63 38.04 -33.17 -28.97
N THR E 64 37.17 -32.76 -29.89
CA THR E 64 37.09 -31.36 -30.28
C THR E 64 36.67 -30.47 -29.11
N LEU E 65 35.96 -31.03 -28.14
CA LEU E 65 35.55 -30.28 -26.96
C LEU E 65 36.70 -29.82 -26.07
N GLY E 66 37.92 -30.31 -26.31
CA GLY E 66 39.06 -29.87 -25.54
C GLY E 66 39.91 -28.84 -26.25
N ASP E 67 39.32 -28.19 -27.26
CA ASP E 67 40.04 -27.21 -28.05
C ASP E 67 40.21 -25.90 -27.27
N LYS E 68 41.32 -25.22 -27.54
CA LYS E 68 41.55 -23.90 -26.94
C LYS E 68 40.62 -22.83 -27.49
N GLU E 69 40.04 -23.05 -28.67
CA GLU E 69 39.18 -22.05 -29.28
C GLU E 69 37.77 -22.17 -28.70
N PRO E 70 37.26 -21.13 -28.03
CA PRO E 70 35.91 -21.23 -27.45
C PRO E 70 34.82 -21.40 -28.49
N THR E 71 35.02 -20.87 -29.70
CA THR E 71 34.03 -21.03 -30.76
C THR E 71 34.06 -22.44 -31.34
N ILE E 72 35.21 -23.10 -31.33
CA ILE E 72 35.29 -24.47 -31.81
C ILE E 72 34.61 -25.42 -30.83
N ARG E 73 34.83 -25.21 -29.53
CA ARG E 73 34.17 -26.03 -28.51
C ARG E 73 32.65 -25.87 -28.58
N ALA E 74 32.18 -24.62 -28.55
CA ALA E 74 30.75 -24.37 -28.53
C ALA E 74 30.05 -24.89 -29.77
N LEU E 75 30.75 -24.94 -30.91
CA LEU E 75 30.13 -25.43 -32.13
C LEU E 75 30.05 -26.96 -32.14
N ALA E 76 31.10 -27.64 -31.68
CA ALA E 76 31.07 -29.09 -31.62
C ALA E 76 29.95 -29.60 -30.73
N LEU E 77 29.60 -28.85 -29.68
CA LEU E 77 28.46 -29.23 -28.85
C LEU E 77 27.15 -29.04 -29.58
N LYS E 78 27.09 -28.08 -30.51
CA LYS E 78 25.88 -27.89 -31.31
C LYS E 78 25.72 -29.00 -32.34
N VAL E 79 26.82 -29.43 -32.95
CA VAL E 79 26.77 -30.58 -33.85
C VAL E 79 26.40 -31.84 -33.07
N LEU E 80 27.00 -32.01 -31.89
CA LEU E 80 26.67 -33.16 -31.06
C LEU E 80 25.19 -33.18 -30.69
N ARG E 81 24.61 -32.00 -30.45
CA ARG E 81 23.18 -31.92 -30.17
C ARG E 81 22.35 -32.51 -31.31
N GLU E 82 22.78 -32.29 -32.55
CA GLU E 82 22.05 -32.83 -33.69
C GLU E 82 22.26 -34.34 -33.82
N ILE E 83 23.51 -34.80 -33.65
CA ILE E 83 23.77 -36.23 -33.68
C ILE E 83 23.03 -36.92 -32.55
N LEU E 84 22.78 -36.20 -31.45
CA LEU E 84 22.04 -36.78 -30.34
C LEU E 84 20.56 -36.95 -30.68
N ARG E 85 19.97 -35.99 -31.39
CA ARG E 85 18.55 -36.05 -31.69
C ARG E 85 18.23 -36.75 -33.01
N HIS E 86 19.24 -36.99 -33.86
CA HIS E 86 19.04 -37.76 -35.08
C HIS E 86 19.52 -39.20 -34.95
N GLN E 87 20.47 -39.48 -34.06
CA GLN E 87 20.98 -40.83 -33.86
C GLN E 87 20.99 -41.18 -32.37
N PRO E 88 19.82 -41.11 -31.71
CA PRO E 88 19.82 -41.35 -30.26
C PRO E 88 20.06 -42.81 -29.89
N ALA E 89 19.58 -43.74 -30.72
CA ALA E 89 19.76 -45.16 -30.44
C ALA E 89 21.20 -45.62 -30.61
N ARG E 90 22.07 -44.78 -31.17
CA ARG E 90 23.46 -45.17 -31.40
C ARG E 90 24.36 -44.88 -30.21
N PHE E 91 23.90 -44.09 -29.23
CA PHE E 91 24.69 -43.79 -28.05
C PHE E 91 24.48 -44.79 -26.93
N LYS E 92 23.85 -45.93 -27.22
CA LYS E 92 23.57 -46.92 -26.19
C LYS E 92 24.83 -47.36 -25.47
N ASN E 93 25.86 -47.74 -26.23
CA ASN E 93 27.09 -48.25 -25.64
C ASN E 93 28.10 -47.16 -25.29
N TYR E 94 27.74 -45.89 -25.50
CA TYR E 94 28.64 -44.77 -25.23
C TYR E 94 27.98 -43.69 -24.37
N ALA E 95 26.98 -44.07 -23.58
CA ALA E 95 26.25 -43.07 -22.79
C ALA E 95 27.16 -42.38 -21.78
N GLU E 96 27.85 -43.16 -20.94
CA GLU E 96 28.67 -42.56 -19.89
C GLU E 96 29.72 -41.62 -20.45
N LEU E 97 30.34 -41.99 -21.57
CA LEU E 97 31.36 -41.12 -22.17
C LEU E 97 30.75 -39.81 -22.65
N THR E 98 29.58 -39.87 -23.28
CA THR E 98 28.95 -38.66 -23.79
C THR E 98 28.43 -37.79 -22.65
N VAL E 99 27.91 -38.42 -21.59
CA VAL E 99 27.42 -37.66 -20.45
C VAL E 99 28.56 -36.94 -19.75
N MET E 100 29.62 -37.67 -19.42
CA MET E 100 30.70 -37.09 -18.61
C MET E 100 31.47 -36.02 -19.40
N LYS E 101 31.57 -36.17 -20.71
CA LYS E 101 32.22 -35.14 -21.52
C LYS E 101 31.33 -33.91 -21.65
N THR E 102 30.03 -34.10 -21.82
CA THR E 102 29.10 -32.97 -21.87
C THR E 102 29.07 -32.23 -20.55
N LEU E 103 29.22 -32.96 -19.43
CA LEU E 103 29.24 -32.31 -18.12
C LEU E 103 30.50 -31.49 -17.90
N GLU E 104 31.63 -31.89 -18.49
CA GLU E 104 32.85 -31.11 -18.35
C GLU E 104 32.72 -29.73 -19.00
N ALA E 105 31.96 -29.64 -20.09
CA ALA E 105 31.75 -28.35 -20.72
C ALA E 105 30.93 -27.41 -19.83
N HIS E 106 30.18 -27.94 -18.86
CA HIS E 106 29.41 -27.08 -17.97
C HIS E 106 30.31 -26.27 -17.05
N LYS E 107 31.58 -26.62 -16.92
CA LYS E 107 32.53 -25.87 -16.12
C LYS E 107 33.61 -25.23 -16.99
N ASP E 108 33.25 -24.91 -18.23
CA ASP E 108 34.05 -24.11 -19.15
C ASP E 108 33.97 -22.64 -18.76
N PRO E 109 35.04 -21.87 -18.99
CA PRO E 109 35.01 -20.44 -18.59
C PRO E 109 34.07 -19.59 -19.42
N HIS E 110 33.67 -20.02 -20.61
CA HIS E 110 32.89 -19.21 -21.53
C HIS E 110 31.41 -19.56 -21.43
N LYS E 111 30.59 -18.53 -21.25
CA LYS E 111 29.14 -18.72 -21.13
C LYS E 111 28.57 -19.42 -22.37
N GLU E 112 29.12 -19.09 -23.54
CA GLU E 112 28.61 -19.69 -24.78
C GLU E 112 28.81 -21.20 -24.81
N VAL E 113 29.81 -21.70 -24.08
CA VAL E 113 30.07 -23.13 -24.07
C VAL E 113 29.14 -23.83 -23.08
N VAL E 114 28.91 -23.24 -21.92
CA VAL E 114 28.01 -23.83 -20.95
C VAL E 114 26.59 -23.90 -21.51
N ARG E 115 26.14 -22.83 -22.17
CA ARG E 115 24.83 -22.84 -22.81
C ARG E 115 24.72 -23.95 -23.84
N SER E 116 25.74 -24.08 -24.71
CA SER E 116 25.71 -25.14 -25.71
C SER E 116 25.78 -26.53 -25.08
N ALA E 117 26.42 -26.65 -23.92
CA ALA E 117 26.44 -27.94 -23.24
C ALA E 117 25.14 -28.19 -22.47
N GLU E 118 24.54 -27.15 -21.90
CA GLU E 118 23.25 -27.31 -21.25
C GLU E 118 22.17 -27.73 -22.23
N GLU E 119 22.24 -27.25 -23.47
CA GLU E 119 21.27 -27.66 -24.47
C GLU E 119 21.55 -29.06 -25.01
N ALA E 120 22.84 -29.37 -25.24
CA ALA E 120 23.20 -30.72 -25.68
C ALA E 120 22.87 -31.76 -24.61
N ALA E 121 23.14 -31.44 -23.35
CA ALA E 121 22.77 -32.33 -22.25
C ALA E 121 21.25 -32.38 -22.07
N SER E 122 20.52 -31.38 -22.57
CA SER E 122 19.06 -31.42 -22.52
C SER E 122 18.51 -32.38 -23.55
N VAL E 123 19.03 -32.32 -24.78
CA VAL E 123 18.63 -33.28 -25.80
C VAL E 123 19.10 -34.69 -25.42
N LEU E 124 20.24 -34.80 -24.74
CA LEU E 124 20.72 -36.11 -24.32
C LEU E 124 19.77 -36.75 -23.32
N ALA E 125 19.11 -35.92 -22.50
CA ALA E 125 18.18 -36.46 -21.53
C ALA E 125 16.88 -36.94 -22.18
N THR E 126 16.50 -36.32 -23.30
CA THR E 126 15.23 -36.65 -23.96
C THR E 126 15.39 -37.51 -25.21
N SER E 127 16.60 -37.68 -25.72
CA SER E 127 16.81 -38.51 -26.90
C SER E 127 17.39 -39.89 -26.57
N ILE E 128 18.37 -39.95 -25.67
CA ILE E 128 19.00 -41.22 -25.31
C ILE E 128 18.04 -42.07 -24.50
N SER E 129 18.15 -43.39 -24.66
CA SER E 129 17.30 -44.33 -23.96
C SER E 129 17.29 -44.01 -22.46
N PRO E 130 16.11 -43.94 -21.84
CA PRO E 130 16.04 -43.40 -20.46
C PRO E 130 16.59 -44.32 -19.39
N GLU E 131 16.39 -45.64 -19.49
CA GLU E 131 16.84 -46.53 -18.43
C GLU E 131 18.35 -46.53 -18.28
N GLN E 132 19.08 -46.55 -19.39
CA GLN E 132 20.53 -46.50 -19.30
C GLN E 132 21.01 -45.11 -18.90
N CYS E 133 20.29 -44.07 -19.31
CA CYS E 133 20.69 -42.71 -18.98
C CYS E 133 20.59 -42.46 -17.47
N ILE E 134 19.55 -43.01 -16.84
CA ILE E 134 19.41 -42.89 -15.39
C ILE E 134 20.56 -43.60 -14.68
N LYS E 135 20.88 -44.81 -15.15
CA LYS E 135 21.91 -45.61 -14.48
C LYS E 135 23.30 -45.01 -14.63
N VAL E 136 23.51 -44.17 -15.63
CA VAL E 136 24.76 -43.43 -15.73
C VAL E 136 24.76 -42.22 -14.80
N LEU E 137 23.60 -41.56 -14.68
CA LEU E 137 23.53 -40.32 -13.91
C LEU E 137 23.58 -40.54 -12.42
N CYS E 138 23.10 -41.69 -11.94
CA CYS E 138 23.05 -41.94 -10.50
C CYS E 138 24.43 -41.88 -9.85
N PRO E 139 25.44 -42.62 -10.29
CA PRO E 139 26.76 -42.48 -9.65
C PRO E 139 27.38 -41.11 -9.82
N ILE E 140 27.09 -40.43 -10.94
CA ILE E 140 27.58 -39.07 -11.15
C ILE E 140 26.99 -38.14 -10.11
N ILE E 141 25.68 -38.23 -9.89
CA ILE E 141 25.00 -37.35 -8.94
C ILE E 141 25.60 -37.48 -7.55
N GLN E 142 25.88 -38.72 -7.13
CA GLN E 142 26.35 -38.99 -5.78
C GLN E 142 27.81 -38.65 -5.57
N THR E 143 28.59 -38.46 -6.64
CA THR E 143 30.04 -38.29 -6.52
C THR E 143 30.60 -37.05 -7.18
N ALA E 144 29.82 -36.29 -7.95
CA ALA E 144 30.35 -35.15 -8.67
C ALA E 144 30.39 -33.91 -7.79
N ASP E 145 31.20 -32.94 -8.20
CA ASP E 145 31.31 -31.67 -7.50
C ASP E 145 30.39 -30.64 -8.15
N TYR E 146 30.08 -29.60 -7.38
CA TYR E 146 29.30 -28.49 -7.92
C TYR E 146 30.08 -27.81 -9.04
N PRO E 147 29.43 -27.40 -10.14
CA PRO E 147 27.99 -27.49 -10.41
C PRO E 147 27.61 -28.70 -11.28
N ILE E 148 28.49 -29.68 -11.39
CA ILE E 148 28.21 -30.85 -12.21
C ILE E 148 27.09 -31.68 -11.58
N ASN E 149 27.10 -31.79 -10.25
CA ASN E 149 26.01 -32.49 -9.56
C ASN E 149 24.67 -31.80 -9.79
N LEU E 150 24.68 -30.46 -9.86
CA LEU E 150 23.45 -29.73 -10.13
C LEU E 150 22.91 -30.07 -11.52
N ALA E 151 23.78 -30.12 -12.52
CA ALA E 151 23.35 -30.43 -13.88
C ALA E 151 22.82 -31.86 -13.99
N ALA E 152 23.47 -32.80 -13.30
CA ALA E 152 23.08 -34.21 -13.42
C ALA E 152 21.71 -34.47 -12.79
N ILE E 153 21.38 -33.77 -11.70
CA ILE E 153 20.06 -33.94 -11.10
C ILE E 153 18.98 -33.36 -12.02
N LYS E 154 19.24 -32.15 -12.56
CA LYS E 154 18.32 -31.57 -13.54
C LYS E 154 18.17 -32.48 -14.75
N MET E 155 19.26 -33.10 -15.18
CA MET E 155 19.22 -34.01 -16.31
C MET E 155 18.38 -35.25 -15.99
N GLN E 156 18.58 -35.82 -14.80
CA GLN E 156 17.82 -36.99 -14.39
C GLN E 156 16.33 -36.71 -14.31
N THR E 157 15.96 -35.48 -13.93
CA THR E 157 14.55 -35.11 -13.87
C THR E 157 13.90 -35.18 -15.25
N LYS E 158 14.59 -34.70 -16.28
CA LYS E 158 14.07 -34.81 -17.64
C LYS E 158 13.96 -36.26 -18.08
N VAL E 159 14.86 -37.11 -17.60
CA VAL E 159 14.83 -38.52 -18.00
C VAL E 159 13.72 -39.25 -17.24
N ILE E 160 13.45 -38.85 -15.99
CA ILE E 160 12.41 -39.51 -15.20
C ILE E 160 11.04 -39.27 -15.82
N GLU E 161 10.84 -38.10 -16.44
CA GLU E 161 9.58 -37.81 -17.13
C GLU E 161 9.35 -38.72 -18.32
N ARG E 162 10.34 -39.53 -18.72
CA ARG E 162 10.28 -40.33 -19.93
C ARG E 162 10.08 -41.82 -19.69
N VAL E 163 10.09 -42.27 -18.45
CA VAL E 163 9.90 -43.68 -18.14
C VAL E 163 8.49 -43.90 -17.61
N SER E 164 7.95 -45.07 -17.90
CA SER E 164 6.66 -45.46 -17.36
C SER E 164 6.78 -45.74 -15.87
N LYS E 165 5.63 -45.87 -15.22
CA LYS E 165 5.62 -46.14 -13.78
C LYS E 165 6.26 -47.50 -13.48
N GLU E 166 6.15 -48.46 -14.40
CA GLU E 166 6.78 -49.76 -14.20
C GLU E 166 8.30 -49.66 -14.23
N THR E 167 8.84 -48.86 -15.15
CA THR E 167 10.29 -48.71 -15.25
C THR E 167 10.85 -47.90 -14.08
N LEU E 168 10.15 -46.84 -13.67
CA LEU E 168 10.68 -45.94 -12.64
C LEU E 168 10.75 -46.61 -11.28
N ASN E 169 9.79 -47.48 -10.95
CA ASN E 169 9.79 -48.12 -9.64
C ASN E 169 10.98 -49.05 -9.45
N LEU E 170 11.37 -49.77 -10.51
CA LEU E 170 12.49 -50.70 -10.39
C LEU E 170 13.81 -49.96 -10.17
N LEU E 171 13.97 -48.76 -10.72
CA LEU E 171 15.21 -48.01 -10.61
C LEU E 171 15.25 -47.10 -9.38
N LEU E 172 14.16 -47.00 -8.63
CA LEU E 172 14.13 -46.12 -7.46
C LEU E 172 15.17 -46.45 -6.40
N PRO E 173 15.43 -47.72 -6.05
CA PRO E 173 16.50 -47.99 -5.07
C PRO E 173 17.84 -47.41 -5.45
N GLU E 174 18.11 -47.19 -6.73
CA GLU E 174 19.33 -46.54 -7.17
C GLU E 174 19.17 -45.04 -7.38
N ILE E 175 17.95 -44.57 -7.65
CA ILE E 175 17.70 -43.15 -7.86
C ILE E 175 17.63 -42.42 -6.53
N MET E 176 16.91 -42.99 -5.56
CA MET E 176 16.65 -42.29 -4.30
C MET E 176 17.90 -41.94 -3.49
N PRO E 177 18.98 -42.74 -3.46
CA PRO E 177 20.16 -42.34 -2.67
C PRO E 177 20.70 -40.97 -3.02
N GLY E 178 20.96 -40.70 -4.31
CA GLY E 178 21.47 -39.40 -4.70
C GLY E 178 20.49 -38.28 -4.43
N LEU E 179 19.19 -38.57 -4.45
CA LEU E 179 18.18 -37.54 -4.21
C LEU E 179 18.09 -37.19 -2.73
N ILE E 180 18.13 -38.19 -1.86
CA ILE E 180 18.15 -37.93 -0.43
C ILE E 180 19.48 -37.29 -0.03
N GLN E 181 20.58 -37.74 -0.65
CA GLN E 181 21.90 -37.18 -0.34
C GLN E 181 22.01 -35.74 -0.80
N GLY E 182 21.53 -35.44 -2.02
CA GLY E 182 21.57 -34.08 -2.52
C GLY E 182 20.65 -33.13 -1.79
N TYR E 183 19.68 -33.67 -1.04
CA TYR E 183 18.80 -32.82 -0.24
C TYR E 183 19.53 -32.19 0.94
N ASP E 184 20.62 -32.80 1.39
CA ASP E 184 21.48 -32.24 2.43
C ASP E 184 22.64 -31.42 1.88
N ASN E 185 22.69 -31.20 0.56
CA ASN E 185 23.84 -30.55 -0.05
C ASN E 185 23.97 -29.12 0.44
N SER E 186 25.22 -28.65 0.50
CA SER E 186 25.50 -27.29 0.95
C SER E 186 24.86 -26.25 0.03
N GLU E 187 24.73 -26.56 -1.25
CA GLU E 187 24.18 -25.64 -2.23
C GLU E 187 22.66 -25.71 -2.21
N SER E 188 22.01 -24.54 -2.14
CA SER E 188 20.55 -24.51 -2.09
C SER E 188 19.95 -24.91 -3.43
N SER E 189 20.65 -24.64 -4.54
CA SER E 189 20.16 -25.05 -5.85
C SER E 189 20.14 -26.57 -5.98
N VAL E 190 21.10 -27.26 -5.36
CA VAL E 190 21.10 -28.72 -5.39
C VAL E 190 19.93 -29.26 -4.57
N ARG E 191 19.69 -28.66 -3.40
CA ARG E 191 18.54 -29.07 -2.60
C ARG E 191 17.23 -28.82 -3.34
N LYS E 192 17.16 -27.70 -4.07
CA LYS E 192 15.96 -27.40 -4.85
C LYS E 192 15.82 -28.33 -6.04
N ALA E 193 16.94 -28.61 -6.73
CA ALA E 193 16.91 -29.55 -7.85
C ALA E 193 16.42 -30.93 -7.42
N CYS E 194 16.74 -31.33 -6.19
CA CYS E 194 16.27 -32.62 -5.69
C CYS E 194 14.77 -32.57 -5.41
N VAL E 195 14.28 -31.46 -4.88
CA VAL E 195 12.85 -31.33 -4.61
C VAL E 195 12.05 -31.44 -5.90
N PHE E 196 12.48 -30.73 -6.95
CA PHE E 196 11.79 -30.81 -8.23
C PHE E 196 11.93 -32.18 -8.87
N CYS E 197 13.03 -32.89 -8.59
CA CYS E 197 13.13 -34.27 -9.04
C CYS E 197 12.16 -35.16 -8.27
N LEU E 198 12.02 -34.94 -6.97
CA LEU E 198 11.05 -35.70 -6.17
C LEU E 198 9.62 -35.31 -6.51
N VAL E 199 9.39 -34.06 -6.91
CA VAL E 199 8.07 -33.67 -7.40
C VAL E 199 7.72 -34.47 -8.64
N ALA E 200 8.70 -34.71 -9.51
CA ALA E 200 8.48 -35.52 -10.69
C ALA E 200 8.28 -36.99 -10.34
N VAL E 201 8.97 -37.48 -9.31
CA VAL E 201 8.82 -38.87 -8.90
C VAL E 201 7.44 -39.09 -8.26
N HIS E 202 6.99 -38.13 -7.45
CA HIS E 202 5.67 -38.24 -6.86
C HIS E 202 4.57 -38.20 -7.92
N ALA E 203 4.78 -37.39 -8.97
CA ALA E 203 3.77 -37.25 -10.01
C ALA E 203 3.55 -38.56 -10.77
N VAL E 204 4.55 -39.43 -10.80
CA VAL E 204 4.45 -40.68 -11.56
C VAL E 204 3.88 -41.80 -10.71
N ILE E 205 4.44 -42.02 -9.52
CA ILE E 205 4.08 -43.18 -8.70
C ILE E 205 3.13 -42.82 -7.58
N GLY E 206 2.75 -41.56 -7.45
CA GLY E 206 1.78 -41.16 -6.44
C GLY E 206 2.29 -41.39 -5.03
N ASP E 207 1.45 -42.00 -4.20
CA ASP E 207 1.76 -42.20 -2.79
C ASP E 207 2.81 -43.28 -2.57
N GLU E 208 3.20 -44.02 -3.60
CA GLU E 208 4.21 -45.06 -3.46
C GLU E 208 5.58 -44.50 -3.09
N LEU E 209 5.79 -43.20 -3.26
CA LEU E 209 7.07 -42.59 -2.90
C LEU E 209 7.29 -42.52 -1.39
N LYS E 210 6.21 -42.60 -0.59
CA LYS E 210 6.33 -42.36 0.85
C LYS E 210 7.34 -43.25 1.55
N PRO E 211 7.40 -44.58 1.32
CA PRO E 211 8.38 -45.39 2.06
C PRO E 211 9.83 -44.99 1.80
N HIS E 212 10.13 -44.40 0.64
CA HIS E 212 11.50 -44.02 0.33
C HIS E 212 11.95 -42.79 1.13
N LEU E 213 11.01 -41.96 1.58
CA LEU E 213 11.32 -40.72 2.27
C LEU E 213 11.39 -40.86 3.77
N SER E 214 11.47 -42.09 4.30
CA SER E 214 11.51 -42.27 5.74
C SER E 214 12.70 -41.58 6.38
N GLN E 215 13.80 -41.44 5.64
CA GLN E 215 15.02 -40.82 6.14
C GLN E 215 15.00 -39.30 6.02
N LEU E 216 13.88 -38.71 5.60
CA LEU E 216 13.77 -37.26 5.48
C LEU E 216 13.35 -36.64 6.82
N THR E 217 13.90 -35.46 7.11
CA THR E 217 13.52 -34.74 8.30
C THR E 217 12.13 -34.13 8.13
N GLY E 218 11.54 -33.69 9.25
CA GLY E 218 10.21 -33.11 9.22
C GLY E 218 10.17 -31.81 8.43
N SER E 219 11.22 -30.99 8.57
CA SER E 219 11.25 -29.72 7.86
C SER E 219 11.45 -29.91 6.36
N LYS E 220 12.19 -30.94 5.96
CA LYS E 220 12.38 -31.23 4.54
C LYS E 220 11.14 -31.88 3.93
N MET E 221 10.49 -32.78 4.69
CA MET E 221 9.22 -33.34 4.25
C MET E 221 8.17 -32.25 4.06
N LYS E 222 8.10 -31.30 4.99
CA LYS E 222 7.12 -30.22 4.89
C LYS E 222 7.39 -29.35 3.66
N LEU E 223 8.65 -28.99 3.44
CA LEU E 223 9.00 -28.19 2.27
C LEU E 223 8.69 -28.95 0.98
N LEU E 224 8.91 -30.26 0.99
CA LEU E 224 8.65 -31.06 -0.21
C LEU E 224 7.16 -31.09 -0.54
N ASN E 225 6.31 -31.30 0.47
CA ASN E 225 4.87 -31.27 0.26
C ASN E 225 4.42 -29.92 -0.29
N LEU E 226 5.13 -28.84 0.08
CA LEU E 226 4.78 -27.51 -0.42
C LEU E 226 4.97 -27.41 -1.93
N TYR E 227 6.09 -27.92 -2.45
CA TYR E 227 6.35 -27.82 -3.88
C TYR E 227 5.60 -28.87 -4.69
N ILE E 228 5.21 -29.98 -4.09
CA ILE E 228 4.33 -30.92 -4.79
C ILE E 228 2.93 -30.32 -4.95
N LYS E 229 2.40 -29.73 -3.88
CA LYS E 229 1.09 -29.10 -3.96
C LYS E 229 1.11 -27.90 -4.91
N ARG E 230 2.19 -27.11 -4.87
CA ARG E 230 2.29 -25.96 -5.78
C ARG E 230 2.30 -26.40 -7.23
N ALA E 231 2.92 -27.55 -7.53
CA ALA E 231 2.91 -28.05 -8.89
C ALA E 231 1.52 -28.49 -9.31
N GLN E 232 0.70 -28.93 -8.35
CA GLN E 232 -0.65 -29.39 -8.65
C GLN E 232 -1.63 -28.24 -8.81
N THR E 233 -1.41 -27.15 -8.08
CA THR E 233 -2.30 -25.99 -8.12
C THR E 233 -2.22 -25.23 -9.45
N ILE F 14 21.05 -1.00 -59.02
CA ILE F 14 20.08 -1.69 -58.18
C ILE F 14 20.55 -3.11 -57.88
N GLU F 15 21.21 -3.73 -58.86
CA GLU F 15 21.71 -5.09 -58.65
C GLU F 15 22.77 -5.12 -57.56
N SER F 16 23.68 -4.15 -57.56
CA SER F 16 24.66 -4.05 -56.48
C SER F 16 23.99 -3.69 -55.16
N GLU F 17 22.98 -2.81 -55.20
CA GLU F 17 22.28 -2.41 -53.99
C GLU F 17 21.59 -3.59 -53.32
N LEU F 18 20.98 -4.48 -54.12
CA LEU F 18 20.38 -5.68 -53.55
C LEU F 18 21.42 -6.59 -52.93
N ASN F 19 22.56 -6.77 -53.61
CA ASN F 19 23.60 -7.66 -53.10
C ASN F 19 24.18 -7.16 -51.80
N SER F 20 24.39 -5.85 -51.68
CA SER F 20 24.92 -5.28 -50.45
C SER F 20 23.89 -5.32 -49.32
N LEU F 21 22.63 -5.06 -49.65
CA LEU F 21 21.59 -5.07 -48.62
C LEU F 21 21.36 -6.48 -48.07
N ARG F 22 21.40 -7.49 -48.94
CA ARG F 22 21.23 -8.86 -48.48
C ARG F 22 22.35 -9.29 -47.54
N ALA F 23 23.59 -8.91 -47.85
CA ALA F 23 24.71 -9.23 -46.97
C ALA F 23 24.57 -8.52 -45.63
N ASP F 24 24.22 -7.23 -45.65
CA ASP F 24 24.03 -6.49 -44.41
C ASP F 24 22.85 -7.04 -43.62
N TYR F 25 21.81 -7.48 -44.32
CA TYR F 25 20.64 -8.07 -43.65
C TYR F 25 21.00 -9.38 -42.97
N ASP F 26 21.83 -10.21 -43.62
CA ASP F 26 22.23 -11.46 -43.01
C ASP F 26 23.08 -11.24 -41.77
N ASN F 27 23.92 -10.19 -41.77
CA ASN F 27 24.68 -9.87 -40.57
C ASN F 27 23.79 -9.36 -39.46
N LEU F 28 22.76 -8.58 -39.79
CA LEU F 28 21.83 -8.10 -38.77
C LEU F 28 20.98 -9.24 -38.22
N VAL F 29 20.65 -10.24 -39.05
CA VAL F 29 19.92 -11.40 -38.57
C VAL F 29 20.74 -12.12 -37.50
N LEU F 30 22.04 -12.30 -37.77
CA LEU F 30 22.91 -12.94 -36.78
C LEU F 30 22.96 -12.14 -35.49
N ASP F 31 23.05 -10.80 -35.59
CA ASP F 31 23.06 -9.97 -34.41
C ASP F 31 21.74 -10.08 -33.64
N TYR F 32 20.61 -10.16 -34.37
CA TYR F 32 19.33 -10.33 -33.70
C TYR F 32 19.24 -11.68 -33.01
N GLU F 33 19.73 -12.74 -33.66
CA GLU F 33 19.75 -14.06 -33.04
C GLU F 33 20.62 -14.04 -31.79
N GLN F 34 21.75 -13.34 -31.84
CA GLN F 34 22.63 -13.26 -30.68
C GLN F 34 21.97 -12.49 -29.54
N LEU F 35 21.18 -11.47 -29.86
CA LEU F 35 20.50 -10.73 -28.81
C LEU F 35 19.33 -11.52 -28.23
N ARG F 36 18.59 -12.23 -29.08
CA ARG F 36 17.49 -13.06 -28.58
C ARG F 36 18.01 -14.14 -27.64
N THR F 37 19.14 -14.76 -27.98
CA THR F 37 19.74 -15.74 -27.08
C THR F 37 20.29 -15.09 -25.82
N GLU F 38 20.78 -13.85 -25.92
CA GLU F 38 21.28 -13.16 -24.74
C GLU F 38 20.15 -12.70 -23.82
N LYS F 39 19.06 -12.19 -24.41
CA LYS F 39 17.94 -11.75 -23.57
C LYS F 39 17.25 -12.93 -22.92
N GLU F 40 17.13 -14.05 -23.62
CA GLU F 40 16.48 -15.22 -23.03
C GLU F 40 17.31 -15.80 -21.91
N GLU F 41 18.64 -15.67 -21.98
CA GLU F 41 19.48 -16.12 -20.88
C GLU F 41 19.34 -15.23 -19.66
N MET F 42 19.34 -13.91 -19.87
CA MET F 42 19.19 -12.97 -18.76
C MET F 42 17.79 -13.05 -18.16
N GLU F 43 16.77 -13.29 -18.98
CA GLU F 43 15.44 -13.51 -18.46
C GLU F 43 15.38 -14.81 -17.67
N LEU F 44 15.92 -15.89 -18.25
CA LEU F 44 15.99 -17.16 -17.52
C LEU F 44 16.85 -17.03 -16.27
N LYS F 45 17.92 -16.24 -16.34
CA LYS F 45 18.76 -16.02 -15.16
C LYS F 45 18.03 -15.20 -14.11
N LEU F 46 17.23 -14.23 -14.55
CA LEU F 46 16.44 -13.44 -13.60
C LEU F 46 15.35 -14.30 -12.95
N LYS F 47 14.71 -15.16 -13.75
CA LYS F 47 13.65 -16.01 -13.22
C LYS F 47 14.21 -17.07 -12.26
N GLU F 48 15.38 -17.64 -12.59
CA GLU F 48 15.97 -18.67 -11.74
C GLU F 48 16.36 -18.12 -10.38
N LYS F 49 16.97 -16.93 -10.34
CA LYS F 49 17.36 -16.36 -9.05
C LYS F 49 16.14 -16.05 -8.20
N ASN F 50 15.06 -15.55 -8.83
CA ASN F 50 13.85 -15.27 -8.08
C ASN F 50 13.21 -16.56 -7.58
N ASP F 51 13.12 -17.56 -8.45
CA ASP F 51 12.59 -18.86 -8.05
C ASP F 51 13.49 -19.52 -7.02
N LEU F 52 14.80 -19.28 -7.09
CA LEU F 52 15.71 -19.82 -6.09
C LEU F 52 15.57 -19.07 -4.77
N ASP F 53 15.48 -17.74 -4.83
CA ASP F 53 15.30 -16.97 -3.61
C ASP F 53 13.95 -17.30 -2.97
N GLU F 54 12.97 -17.70 -3.77
CA GLU F 54 11.72 -18.22 -3.21
C GLU F 54 11.96 -19.53 -2.47
N PHE F 55 12.77 -20.42 -3.05
CA PHE F 55 13.07 -21.69 -2.39
C PHE F 55 13.77 -21.46 -1.05
N GLU F 56 14.80 -20.62 -1.05
CA GLU F 56 15.50 -20.32 0.20
C GLU F 56 14.57 -19.66 1.21
N ALA F 57 13.65 -18.82 0.74
CA ALA F 57 12.68 -18.19 1.64
C ALA F 57 11.63 -19.19 2.10
N LEU F 58 11.19 -20.09 1.22
CA LEU F 58 10.26 -21.12 1.64
C LEU F 58 10.92 -22.12 2.58
N GLU F 59 12.22 -22.38 2.39
CA GLU F 59 12.94 -23.28 3.29
C GLU F 59 13.05 -22.71 4.70
N ARG F 60 13.42 -21.43 4.81
CA ARG F 60 13.60 -20.83 6.13
C ARG F 60 12.28 -20.76 6.90
N LYS F 61 11.16 -20.49 6.21
CA LYS F 61 9.88 -20.43 6.92
C LYS F 61 9.47 -21.81 7.42
N THR F 62 9.70 -22.85 6.62
CA THR F 62 9.41 -24.20 7.08
C THR F 62 10.37 -24.61 8.19
N LYS F 63 11.62 -24.16 8.11
CA LYS F 63 12.58 -24.41 9.19
C LYS F 63 12.22 -23.62 10.43
N LYS F 64 11.77 -22.38 10.26
CA LYS F 64 11.30 -21.58 11.40
C LYS F 64 10.11 -22.25 12.08
N ASP F 65 9.16 -22.75 11.27
CA ASP F 65 7.97 -23.39 11.80
C ASP F 65 8.30 -24.77 12.36
N SER G 7 -63.89 4.85 30.79
CA SER G 7 -64.36 3.95 31.85
C SER G 7 -63.31 2.89 32.13
N LEU G 8 -63.60 2.03 33.12
CA LEU G 8 -62.69 0.96 33.51
C LEU G 8 -63.09 -0.40 32.97
N ASP G 9 -64.32 -0.55 32.48
CA ASP G 9 -64.73 -1.81 31.86
C ASP G 9 -63.86 -2.08 30.64
N HIS G 10 -63.28 -3.29 30.61
CA HIS G 10 -62.27 -3.61 29.60
C HIS G 10 -62.80 -3.39 28.18
N SER G 11 -63.99 -3.91 27.89
CA SER G 11 -64.54 -3.77 26.54
C SER G 11 -64.90 -2.32 26.24
N ASP G 12 -65.47 -1.61 27.22
CA ASP G 12 -65.80 -0.20 27.03
C ASP G 12 -64.54 0.65 26.91
N LEU G 13 -63.51 0.32 27.69
CA LEU G 13 -62.26 1.07 27.63
C LEU G 13 -61.60 0.97 26.26
N VAL G 14 -61.58 -0.22 25.67
CA VAL G 14 -60.94 -0.38 24.36
C VAL G 14 -61.63 0.49 23.32
N ALA G 15 -62.96 0.51 23.34
CA ALA G 15 -63.71 1.34 22.39
C ALA G 15 -63.34 2.81 22.55
N GLU G 16 -63.20 3.27 23.80
CA GLU G 16 -62.77 4.65 24.03
C GLU G 16 -61.34 4.87 23.60
N LEU G 17 -60.46 3.89 23.83
CA LEU G 17 -59.09 4.01 23.36
C LEU G 17 -59.02 4.04 21.84
N LEU G 18 -59.77 3.16 21.19
CA LEU G 18 -59.82 3.18 19.72
C LEU G 18 -60.46 4.46 19.21
N LYS G 19 -61.41 5.02 19.96
CA LYS G 19 -62.05 6.26 19.54
C LYS G 19 -61.12 7.45 19.70
N GLU G 20 -60.39 7.51 20.82
CA GLU G 20 -59.48 8.64 21.05
C GLU G 20 -58.27 8.57 20.13
N LEU G 21 -57.64 7.39 20.02
CA LEU G 21 -56.44 7.27 19.21
C LEU G 21 -56.74 7.36 17.72
N SER G 22 -58.01 7.32 17.33
CA SER G 22 -58.40 7.56 15.94
C SER G 22 -58.34 9.03 15.57
N ASN G 23 -58.08 9.91 16.54
CA ASN G 23 -57.96 11.36 16.29
C ASN G 23 -56.52 11.63 15.85
N HIS G 24 -56.26 11.34 14.58
CA HIS G 24 -54.91 11.48 14.04
C HIS G 24 -54.59 12.93 13.73
N ASN G 25 -53.36 13.32 14.06
CA ASN G 25 -52.78 14.66 13.88
C ASN G 25 -53.38 15.71 14.81
N GLU G 26 -54.36 15.36 15.64
CA GLU G 26 -54.95 16.28 16.58
C GLU G 26 -55.11 15.62 17.94
N ARG G 27 -55.32 16.46 18.96
CA ARG G 27 -55.53 16.02 20.34
C ARG G 27 -54.34 15.19 20.84
N VAL G 28 -53.21 15.89 20.99
CA VAL G 28 -51.95 15.24 21.33
C VAL G 28 -51.97 14.71 22.76
N GLU G 29 -52.39 15.54 23.71
CA GLU G 29 -52.35 15.14 25.10
C GLU G 29 -53.42 14.09 25.41
N GLU G 30 -54.58 14.18 24.77
CA GLU G 30 -55.61 13.17 24.99
C GLU G 30 -55.19 11.82 24.42
N ARG G 31 -54.43 11.83 23.33
CA ARG G 31 -53.93 10.58 22.76
C ARG G 31 -52.74 10.02 23.51
N LYS G 32 -51.90 10.89 24.10
CA LYS G 32 -50.81 10.39 24.93
C LYS G 32 -51.34 9.65 26.15
N ILE G 33 -52.41 10.18 26.78
CA ILE G 33 -53.02 9.49 27.91
C ILE G 33 -53.56 8.13 27.48
N ALA G 34 -54.23 8.08 26.33
CA ALA G 34 -54.76 6.82 25.84
C ALA G 34 -53.63 5.83 25.56
N LEU G 35 -52.53 6.31 25.00
CA LEU G 35 -51.39 5.42 24.73
C LEU G 35 -50.77 4.91 26.02
N TYR G 36 -50.63 5.80 27.01
CA TYR G 36 -50.12 5.35 28.31
C TYR G 36 -51.08 4.36 28.96
N GLU G 37 -52.38 4.60 28.80
CA GLU G 37 -53.37 3.64 29.29
C GLU G 37 -53.30 2.32 28.52
N LEU G 38 -53.13 2.41 27.20
CA LEU G 38 -52.98 1.20 26.39
C LEU G 38 -51.75 0.41 26.80
N MET G 39 -50.69 1.11 27.20
CA MET G 39 -49.47 0.41 27.63
C MET G 39 -49.70 -0.35 28.92
N LYS G 40 -50.49 0.20 29.83
CA LYS G 40 -50.79 -0.50 31.08
C LYS G 40 -51.55 -1.78 30.83
N LEU G 41 -52.52 -1.76 29.91
CA LEU G 41 -53.25 -2.99 29.58
C LEU G 41 -52.31 -4.07 29.07
N THR G 42 -51.23 -3.68 28.39
CA THR G 42 -50.27 -4.66 27.88
C THR G 42 -49.53 -5.34 29.03
N GLN G 43 -49.19 -4.58 30.08
CA GLN G 43 -48.48 -5.14 31.23
C GLN G 43 -49.35 -6.08 32.06
N GLU G 44 -50.67 -5.97 31.96
CA GLU G 44 -51.57 -6.71 32.83
C GLU G 44 -51.78 -8.16 32.39
N GLU G 45 -51.32 -8.53 31.20
CA GLU G 45 -51.63 -9.84 30.62
C GLU G 45 -53.15 -10.07 30.57
N SER G 46 -53.88 -8.99 30.24
CA SER G 46 -55.33 -9.04 30.16
C SER G 46 -55.77 -10.01 29.07
N PHE G 47 -56.43 -11.10 29.48
CA PHE G 47 -56.81 -12.13 28.53
C PHE G 47 -57.91 -11.64 27.58
N SER G 48 -58.87 -10.88 28.11
CA SER G 48 -60.04 -10.51 27.31
C SER G 48 -59.74 -9.42 26.28
N VAL G 49 -58.84 -8.49 26.59
CA VAL G 49 -58.51 -7.43 25.64
C VAL G 49 -57.86 -8.00 24.39
N TRP G 50 -56.87 -8.87 24.56
CA TRP G 50 -56.05 -9.28 23.44
C TRP G 50 -56.66 -10.41 22.61
N ASP G 51 -57.58 -11.20 23.19
CA ASP G 51 -58.19 -12.28 22.42
C ASP G 51 -59.05 -11.77 21.27
N GLU G 52 -59.57 -10.54 21.39
CA GLU G 52 -60.51 -10.03 20.41
C GLU G 52 -60.06 -8.77 19.68
N HIS G 53 -59.10 -8.01 20.21
CA HIS G 53 -58.81 -6.68 19.68
C HIS G 53 -57.33 -6.48 19.35
N PHE G 54 -56.57 -7.55 19.16
CA PHE G 54 -55.15 -7.39 18.83
C PHE G 54 -54.97 -6.71 17.47
N LYS G 55 -55.56 -7.31 16.42
CA LYS G 55 -55.42 -6.76 15.07
C LYS G 55 -55.89 -5.30 15.02
N THR G 56 -57.05 -5.01 15.62
CA THR G 56 -57.56 -3.64 15.61
C THR G 56 -56.60 -2.68 16.30
N ILE G 57 -56.03 -3.08 17.44
CA ILE G 57 -55.11 -2.21 18.16
C ILE G 57 -53.80 -2.07 17.38
N LEU G 58 -53.27 -3.17 16.85
CA LEU G 58 -52.00 -3.13 16.13
C LEU G 58 -52.09 -2.22 14.91
N LEU G 59 -53.13 -2.38 14.09
CA LEU G 59 -53.24 -1.58 12.88
C LEU G 59 -53.42 -0.10 13.21
N LEU G 60 -54.19 0.22 14.25
CA LEU G 60 -54.31 1.60 14.68
C LEU G 60 -53.01 2.10 15.30
N LEU G 61 -52.26 1.21 15.96
CA LEU G 61 -50.98 1.61 16.53
C LEU G 61 -49.90 1.77 15.46
N LEU G 62 -50.03 1.05 14.34
CA LEU G 62 -49.05 1.17 13.28
C LEU G 62 -49.27 2.41 12.44
N GLU G 63 -50.52 2.78 12.19
CA GLU G 63 -50.80 4.05 11.54
C GLU G 63 -50.31 5.22 12.39
N THR G 64 -50.36 5.07 13.72
CA THR G 64 -49.91 6.13 14.61
C THR G 64 -48.43 6.42 14.42
N LEU G 65 -47.65 5.44 13.96
CA LEU G 65 -46.24 5.66 13.68
C LEU G 65 -46.02 6.66 12.54
N GLY G 66 -47.06 6.99 11.78
CA GLY G 66 -46.95 7.96 10.71
C GLY G 66 -47.50 9.32 11.09
N ASP G 67 -47.62 9.57 12.38
CA ASP G 67 -48.17 10.84 12.85
C ASP G 67 -47.17 11.97 12.65
N LYS G 68 -47.70 13.18 12.44
CA LYS G 68 -46.84 14.34 12.25
C LYS G 68 -46.11 14.72 13.53
N GLU G 69 -46.62 14.31 14.69
CA GLU G 69 -46.04 14.67 15.98
C GLU G 69 -44.92 13.70 16.36
N PRO G 70 -43.68 14.16 16.53
CA PRO G 70 -42.60 13.22 16.88
C PRO G 70 -42.77 12.57 18.25
N THR G 71 -43.42 13.24 19.20
CA THR G 71 -43.64 12.62 20.50
C THR G 71 -44.73 11.56 20.46
N ILE G 72 -45.68 11.71 19.55
CA ILE G 72 -46.71 10.67 19.38
C ILE G 72 -46.10 9.43 18.72
N ARG G 73 -45.24 9.63 17.71
CA ARG G 73 -44.57 8.51 17.07
C ARG G 73 -43.69 7.75 18.06
N ALA G 74 -42.83 8.47 18.79
CA ALA G 74 -41.91 7.81 19.72
C ALA G 74 -42.66 7.07 20.82
N LEU G 75 -43.86 7.52 21.17
CA LEU G 75 -44.63 6.83 22.21
C LEU G 75 -45.26 5.54 21.69
N ALA G 76 -45.81 5.58 20.48
CA ALA G 76 -46.37 4.37 19.88
C ALA G 76 -45.30 3.30 19.68
N LEU G 77 -44.05 3.71 19.44
CA LEU G 77 -42.97 2.74 19.32
C LEU G 77 -42.64 2.09 20.65
N LYS G 78 -42.85 2.81 21.76
CA LYS G 78 -42.67 2.21 23.07
C LYS G 78 -43.82 1.28 23.41
N VAL G 79 -45.05 1.66 23.05
CA VAL G 79 -46.19 0.79 23.24
C VAL G 79 -46.06 -0.47 22.38
N LEU G 80 -45.62 -0.30 21.13
CA LEU G 80 -45.41 -1.45 20.25
C LEU G 80 -44.38 -2.40 20.82
N ARG G 81 -43.32 -1.85 21.44
CA ARG G 81 -42.32 -2.69 22.09
C ARG G 81 -42.94 -3.53 23.20
N GLU G 82 -43.93 -2.98 23.91
CA GLU G 82 -44.57 -3.73 24.98
C GLU G 82 -45.45 -4.83 24.46
N ILE G 83 -46.26 -4.54 23.42
CA ILE G 83 -47.10 -5.57 22.83
C ILE G 83 -46.25 -6.65 22.17
N LEU G 84 -45.03 -6.32 21.72
CA LEU G 84 -44.19 -7.32 21.08
C LEU G 84 -43.69 -8.36 22.07
N ARG G 85 -43.26 -7.93 23.25
CA ARG G 85 -42.73 -8.87 24.23
C ARG G 85 -43.77 -9.37 25.23
N HIS G 86 -44.98 -8.80 25.23
CA HIS G 86 -46.05 -9.32 26.06
C HIS G 86 -47.02 -10.20 25.29
N GLN G 87 -47.15 -9.98 23.97
CA GLN G 87 -48.02 -10.80 23.10
C GLN G 87 -47.25 -11.19 21.85
N PRO G 88 -46.13 -11.90 21.99
CA PRO G 88 -45.30 -12.18 20.80
C PRO G 88 -45.93 -13.15 19.83
N ALA G 89 -46.69 -14.14 20.32
CA ALA G 89 -47.30 -15.13 19.44
C ALA G 89 -48.40 -14.56 18.56
N ARG G 90 -48.82 -13.31 18.79
CA ARG G 90 -49.92 -12.72 18.03
C ARG G 90 -49.45 -12.01 16.77
N PHE G 91 -48.15 -11.79 16.60
CA PHE G 91 -47.60 -11.11 15.44
C PHE G 91 -47.27 -12.07 14.31
N LYS G 92 -47.73 -13.32 14.38
CA LYS G 92 -47.41 -14.32 13.36
C LYS G 92 -47.79 -13.85 11.97
N ASN G 93 -49.03 -13.37 11.80
CA ASN G 93 -49.53 -12.95 10.50
C ASN G 93 -49.18 -11.52 10.14
N TYR G 94 -48.41 -10.82 10.98
CA TYR G 94 -48.08 -9.43 10.74
C TYR G 94 -46.58 -9.17 10.82
N ALA G 95 -45.77 -10.21 10.56
CA ALA G 95 -44.33 -10.06 10.66
C ALA G 95 -43.82 -9.02 9.67
N GLU G 96 -44.13 -9.20 8.39
CA GLU G 96 -43.64 -8.26 7.37
C GLU G 96 -44.11 -6.84 7.65
N LEU G 97 -45.38 -6.68 8.05
CA LEU G 97 -45.91 -5.35 8.34
C LEU G 97 -45.23 -4.74 9.56
N THR G 98 -45.03 -5.53 10.62
CA THR G 98 -44.43 -4.99 11.83
C THR G 98 -42.94 -4.70 11.62
N VAL G 99 -42.24 -5.56 10.88
CA VAL G 99 -40.82 -5.33 10.62
C VAL G 99 -40.64 -4.09 9.77
N MET G 100 -41.35 -4.02 8.64
CA MET G 100 -41.11 -2.93 7.69
C MET G 100 -41.56 -1.59 8.24
N LYS G 101 -42.58 -1.56 9.09
CA LYS G 101 -42.99 -0.30 9.70
C LYS G 101 -41.99 0.13 10.77
N THR G 102 -41.51 -0.82 11.57
CA THR G 102 -40.48 -0.49 12.56
C THR G 102 -39.17 -0.08 11.90
N LEU G 103 -38.85 -0.67 10.74
CA LEU G 103 -37.63 -0.29 10.04
C LEU G 103 -37.74 1.10 9.43
N GLU G 104 -38.93 1.49 8.99
CA GLU G 104 -39.11 2.85 8.46
C GLU G 104 -38.99 3.90 9.55
N ALA G 105 -39.37 3.55 10.78
CA ALA G 105 -39.21 4.49 11.89
C ALA G 105 -37.74 4.79 12.18
N HIS G 106 -36.83 3.91 11.76
CA HIS G 106 -35.40 4.12 11.97
C HIS G 106 -34.83 5.29 11.17
N LYS G 107 -35.57 5.84 10.21
CA LYS G 107 -35.10 6.97 9.42
C LYS G 107 -35.88 8.25 9.72
N ASP G 108 -36.41 8.37 10.94
CA ASP G 108 -37.00 9.63 11.36
C ASP G 108 -35.91 10.64 11.70
N PRO G 109 -36.15 11.93 11.46
CA PRO G 109 -35.11 12.94 11.75
C PRO G 109 -34.86 13.14 13.23
N HIS G 110 -35.77 12.72 14.11
CA HIS G 110 -35.70 13.00 15.53
C HIS G 110 -35.09 11.82 16.27
N LYS G 111 -34.06 12.10 17.08
CA LYS G 111 -33.37 11.04 17.81
C LYS G 111 -34.32 10.25 18.71
N GLU G 112 -35.26 10.94 19.36
CA GLU G 112 -36.17 10.25 20.28
C GLU G 112 -37.06 9.23 19.57
N VAL G 113 -37.30 9.42 18.27
CA VAL G 113 -38.15 8.48 17.55
C VAL G 113 -37.33 7.27 17.09
N VAL G 114 -36.13 7.51 16.54
CA VAL G 114 -35.28 6.40 16.11
C VAL G 114 -34.84 5.56 17.30
N ARG G 115 -34.49 6.22 18.41
CA ARG G 115 -34.08 5.51 19.62
C ARG G 115 -35.18 4.56 20.10
N SER G 116 -36.43 5.04 20.13
CA SER G 116 -37.53 4.17 20.54
C SER G 116 -37.80 3.08 19.50
N ALA G 117 -37.47 3.33 18.23
CA ALA G 117 -37.65 2.33 17.20
C ALA G 117 -36.55 1.28 17.24
N GLU G 118 -35.32 1.70 17.56
CA GLU G 118 -34.23 0.75 17.73
C GLU G 118 -34.50 -0.19 18.90
N GLU G 119 -35.22 0.29 19.93
CA GLU G 119 -35.58 -0.58 21.05
C GLU G 119 -36.67 -1.56 20.64
N ALA G 120 -37.65 -1.10 19.86
CA ALA G 120 -38.69 -1.99 19.37
C ALA G 120 -38.11 -3.03 18.43
N ALA G 121 -37.19 -2.62 17.55
CA ALA G 121 -36.53 -3.58 16.66
C ALA G 121 -35.61 -4.55 17.40
N SER G 122 -35.20 -4.22 18.62
CA SER G 122 -34.40 -5.16 19.40
C SER G 122 -35.26 -6.27 19.98
N VAL G 123 -36.40 -5.91 20.57
CA VAL G 123 -37.35 -6.91 21.07
C VAL G 123 -37.94 -7.71 19.93
N LEU G 124 -38.07 -7.10 18.75
CA LEU G 124 -38.68 -7.77 17.61
C LEU G 124 -37.88 -8.98 17.15
N ALA G 125 -36.58 -9.01 17.42
CA ALA G 125 -35.77 -10.14 16.97
C ALA G 125 -36.10 -11.42 17.73
N THR G 126 -36.56 -11.30 18.98
CA THR G 126 -36.87 -12.45 19.81
C THR G 126 -38.37 -12.73 19.90
N SER G 127 -39.21 -11.84 19.39
CA SER G 127 -40.66 -12.03 19.42
C SER G 127 -41.21 -12.63 18.14
N ILE G 128 -40.73 -12.17 16.98
CA ILE G 128 -41.11 -12.80 15.73
C ILE G 128 -40.41 -14.15 15.63
N SER G 129 -41.10 -15.14 15.06
CA SER G 129 -40.50 -16.45 14.87
C SER G 129 -39.15 -16.31 14.20
N PRO G 130 -38.09 -16.98 14.69
CA PRO G 130 -36.75 -16.66 14.20
C PRO G 130 -36.53 -17.05 12.75
N GLU G 131 -37.01 -18.23 12.34
CA GLU G 131 -36.89 -18.59 10.93
C GLU G 131 -37.76 -17.69 10.08
N GLN G 132 -38.94 -17.31 10.60
CA GLN G 132 -39.81 -16.38 9.90
C GLN G 132 -39.22 -14.97 9.87
N CYS G 133 -38.51 -14.57 10.93
CA CYS G 133 -37.91 -13.24 10.95
C CYS G 133 -36.83 -13.10 9.90
N ILE G 134 -36.04 -14.17 9.68
CA ILE G 134 -34.98 -14.14 8.68
C ILE G 134 -35.57 -13.94 7.29
N LYS G 135 -36.63 -14.67 6.97
CA LYS G 135 -37.21 -14.61 5.63
C LYS G 135 -37.87 -13.27 5.35
N VAL G 136 -38.24 -12.52 6.38
CA VAL G 136 -38.73 -11.16 6.19
C VAL G 136 -37.56 -10.20 5.97
N LEU G 137 -36.46 -10.42 6.69
CA LEU G 137 -35.34 -9.49 6.66
C LEU G 137 -34.50 -9.63 5.40
N CYS G 138 -34.43 -10.84 4.83
CA CYS G 138 -33.56 -11.06 3.67
C CYS G 138 -33.90 -10.16 2.49
N PRO G 139 -35.14 -10.13 1.98
CA PRO G 139 -35.41 -9.22 0.84
C PRO G 139 -35.21 -7.76 1.20
N ILE G 140 -35.47 -7.39 2.47
CA ILE G 140 -35.24 -6.02 2.91
C ILE G 140 -33.74 -5.70 2.85
N ILE G 141 -32.90 -6.60 3.37
CA ILE G 141 -31.47 -6.35 3.41
C ILE G 141 -30.92 -6.17 1.99
N GLN G 142 -31.38 -6.99 1.05
CA GLN G 142 -30.83 -6.99 -0.30
C GLN G 142 -31.29 -5.80 -1.13
N THR G 143 -32.37 -5.11 -0.73
CA THR G 143 -32.94 -4.07 -1.56
C THR G 143 -33.14 -2.73 -0.88
N ALA G 144 -32.96 -2.62 0.44
CA ALA G 144 -33.25 -1.37 1.13
C ALA G 144 -32.07 -0.41 1.09
N ASP G 145 -32.37 0.86 1.29
CA ASP G 145 -31.39 1.93 1.37
C ASP G 145 -31.04 2.24 2.83
N TYR G 146 -29.94 2.96 3.00
CA TYR G 146 -29.54 3.40 4.33
C TYR G 146 -30.61 4.29 4.94
N PRO G 147 -30.89 4.16 6.25
CA PRO G 147 -30.26 3.23 7.19
C PRO G 147 -31.10 2.00 7.47
N ILE G 148 -32.10 1.72 6.63
CA ILE G 148 -32.99 0.59 6.87
C ILE G 148 -32.26 -0.73 6.66
N ASN G 149 -31.41 -0.81 5.63
CA ASN G 149 -30.61 -2.01 5.43
C ASN G 149 -29.68 -2.27 6.60
N LEU G 150 -29.14 -1.19 7.19
CA LEU G 150 -28.30 -1.36 8.39
C LEU G 150 -29.12 -1.90 9.56
N ALA G 151 -30.33 -1.38 9.74
CA ALA G 151 -31.17 -1.86 10.85
C ALA G 151 -31.58 -3.31 10.63
N ALA G 152 -31.87 -3.69 9.39
CA ALA G 152 -32.31 -5.06 9.13
C ALA G 152 -31.17 -6.06 9.29
N ILE G 153 -29.94 -5.67 8.95
CA ILE G 153 -28.80 -6.55 9.14
C ILE G 153 -28.52 -6.77 10.62
N LYS G 154 -28.58 -5.68 11.41
CA LYS G 154 -28.42 -5.81 12.86
C LYS G 154 -29.46 -6.76 13.44
N MET G 155 -30.70 -6.69 12.94
CA MET G 155 -31.74 -7.60 13.40
C MET G 155 -31.43 -9.04 12.98
N GLN G 156 -31.00 -9.24 11.73
CA GLN G 156 -30.67 -10.57 11.26
C GLN G 156 -29.55 -11.19 12.09
N THR G 157 -28.61 -10.37 12.56
CA THR G 157 -27.55 -10.88 13.43
C THR G 157 -28.14 -11.41 14.73
N LYS G 158 -29.11 -10.68 15.30
CA LYS G 158 -29.75 -11.14 16.52
C LYS G 158 -30.57 -12.41 16.29
N VAL G 159 -31.19 -12.53 15.12
CA VAL G 159 -32.04 -13.67 14.83
C VAL G 159 -31.25 -14.91 14.44
N ILE G 160 -30.10 -14.74 13.77
CA ILE G 160 -29.31 -15.89 13.34
C ILE G 160 -28.82 -16.69 14.54
N GLU G 161 -28.57 -16.01 15.67
CA GLU G 161 -28.13 -16.66 16.89
C GLU G 161 -29.17 -17.62 17.46
N ARG G 162 -30.41 -17.61 16.96
CA ARG G 162 -31.50 -18.39 17.56
C ARG G 162 -31.90 -19.61 16.74
N VAL G 163 -31.30 -19.83 15.58
CA VAL G 163 -31.61 -21.00 14.76
C VAL G 163 -30.50 -22.02 14.95
N SER G 164 -30.86 -23.29 14.85
CA SER G 164 -29.88 -24.35 14.99
C SER G 164 -28.92 -24.36 13.80
N LYS G 165 -27.82 -25.10 13.97
CA LYS G 165 -26.82 -25.20 12.91
C LYS G 165 -27.38 -25.88 11.67
N GLU G 166 -28.29 -26.84 11.85
CA GLU G 166 -28.91 -27.47 10.70
C GLU G 166 -29.85 -26.52 9.99
N THR G 167 -30.60 -25.71 10.74
CA THR G 167 -31.53 -24.76 10.13
C THR G 167 -30.78 -23.61 9.47
N LEU G 168 -29.70 -23.14 10.08
CA LEU G 168 -28.99 -21.98 9.53
C LEU G 168 -28.35 -22.32 8.19
N ASN G 169 -27.84 -23.53 8.04
CA ASN G 169 -27.24 -23.94 6.77
C ASN G 169 -28.27 -23.95 5.65
N LEU G 170 -29.49 -24.40 5.96
CA LEU G 170 -30.55 -24.41 4.95
C LEU G 170 -30.91 -22.99 4.51
N LEU G 171 -30.81 -22.02 5.42
CA LEU G 171 -31.16 -20.64 5.12
C LEU G 171 -29.98 -19.84 4.58
N LEU G 172 -28.78 -20.41 4.56
CA LEU G 172 -27.62 -19.69 4.05
C LEU G 172 -27.73 -19.29 2.58
N PRO G 173 -28.23 -20.13 1.67
CA PRO G 173 -28.39 -19.66 0.27
C PRO G 173 -29.20 -18.39 0.13
N GLU G 174 -30.10 -18.11 1.07
CA GLU G 174 -30.89 -16.88 1.06
C GLU G 174 -30.29 -15.78 1.92
N ILE G 175 -29.52 -16.14 2.95
CA ILE G 175 -28.91 -15.14 3.82
C ILE G 175 -27.67 -14.53 3.20
N MET G 176 -26.81 -15.37 2.63
CA MET G 176 -25.52 -14.91 2.15
C MET G 176 -25.58 -13.86 1.04
N PRO G 177 -26.54 -13.87 0.11
CA PRO G 177 -26.57 -12.80 -0.91
C PRO G 177 -26.57 -11.40 -0.34
N GLY G 178 -27.49 -11.10 0.58
CA GLY G 178 -27.53 -9.77 1.17
C GLY G 178 -26.29 -9.44 1.99
N LEU G 179 -25.65 -10.45 2.56
CA LEU G 179 -24.47 -10.20 3.38
C LEU G 179 -23.24 -9.90 2.53
N ILE G 180 -23.07 -10.61 1.41
CA ILE G 180 -21.97 -10.28 0.50
C ILE G 180 -22.21 -8.93 -0.17
N GLN G 181 -23.48 -8.62 -0.47
CA GLN G 181 -23.80 -7.34 -1.09
C GLN G 181 -23.54 -6.19 -0.13
N GLY G 182 -23.96 -6.33 1.13
CA GLY G 182 -23.72 -5.28 2.11
C GLY G 182 -22.27 -5.11 2.48
N TYR G 183 -21.43 -6.13 2.26
CA TYR G 183 -20.00 -5.98 2.49
C TYR G 183 -19.36 -5.08 1.45
N ASP G 184 -19.97 -4.97 0.26
CA ASP G 184 -19.52 -4.04 -0.76
C ASP G 184 -20.21 -2.70 -0.68
N ASN G 185 -21.05 -2.49 0.33
CA ASN G 185 -21.83 -1.26 0.44
C ASN G 185 -20.92 -0.07 0.66
N SER G 186 -21.35 1.08 0.13
CA SER G 186 -20.56 2.31 0.29
C SER G 186 -20.44 2.73 1.74
N GLU G 187 -21.44 2.42 2.57
CA GLU G 187 -21.45 2.86 3.95
C GLU G 187 -20.65 1.90 4.83
N SER G 188 -19.75 2.45 5.64
CA SER G 188 -18.91 1.62 6.50
C SER G 188 -19.70 0.99 7.64
N SER G 189 -20.76 1.67 8.11
CA SER G 189 -21.58 1.07 9.16
C SER G 189 -22.32 -0.16 8.66
N VAL G 190 -22.71 -0.17 7.39
CA VAL G 190 -23.36 -1.34 6.81
C VAL G 190 -22.37 -2.49 6.66
N ARG G 191 -21.15 -2.18 6.22
CA ARG G 191 -20.13 -3.22 6.07
C ARG G 191 -19.78 -3.86 7.40
N LYS G 192 -19.71 -3.07 8.48
CA LYS G 192 -19.38 -3.64 9.78
C LYS G 192 -20.50 -4.52 10.30
N ALA G 193 -21.75 -4.09 10.13
CA ALA G 193 -22.89 -4.92 10.49
C ALA G 193 -22.87 -6.24 9.73
N CYS G 194 -22.39 -6.22 8.48
CA CYS G 194 -22.27 -7.46 7.72
C CYS G 194 -21.13 -8.31 8.26
N VAL G 195 -20.01 -7.68 8.63
CA VAL G 195 -18.90 -8.43 9.23
C VAL G 195 -19.35 -9.08 10.52
N PHE G 196 -20.05 -8.32 11.37
CA PHE G 196 -20.53 -8.87 12.63
C PHE G 196 -21.62 -9.91 12.41
N CYS G 197 -22.40 -9.78 11.33
CA CYS G 197 -23.36 -10.83 10.99
C CYS G 197 -22.66 -12.09 10.53
N LEU G 198 -21.59 -11.95 9.75
CA LEU G 198 -20.82 -13.13 9.33
C LEU G 198 -20.07 -13.74 10.50
N VAL G 199 -19.67 -12.92 11.48
CA VAL G 199 -19.09 -13.46 12.70
C VAL G 199 -20.09 -14.34 13.43
N ALA G 200 -21.37 -13.94 13.44
CA ALA G 200 -22.40 -14.77 14.05
C ALA G 200 -22.65 -16.04 13.26
N VAL G 201 -22.56 -15.96 11.92
CA VAL G 201 -22.75 -17.14 11.10
C VAL G 201 -21.57 -18.09 11.26
N HIS G 202 -20.35 -17.56 11.30
CA HIS G 202 -19.19 -18.41 11.52
C HIS G 202 -19.22 -19.05 12.91
N ALA G 203 -19.72 -18.30 13.90
CA ALA G 203 -19.76 -18.83 15.27
C ALA G 203 -20.66 -20.05 15.37
N VAL G 204 -21.61 -20.20 14.47
CA VAL G 204 -22.55 -21.31 14.51
C VAL G 204 -22.02 -22.50 13.70
N ILE G 205 -21.64 -22.26 12.45
CA ILE G 205 -21.27 -23.34 11.54
C ILE G 205 -19.77 -23.49 11.37
N GLY G 206 -18.98 -22.65 12.02
CA GLY G 206 -17.52 -22.79 11.96
C GLY G 206 -16.99 -22.61 10.55
N ASP G 207 -16.09 -23.52 10.16
CA ASP G 207 -15.43 -23.42 8.86
C ASP G 207 -16.34 -23.76 7.69
N GLU G 208 -17.56 -24.26 7.95
CA GLU G 208 -18.48 -24.56 6.86
C GLU G 208 -18.90 -23.32 6.10
N LEU G 209 -18.70 -22.13 6.68
CA LEU G 209 -19.01 -20.88 6.01
C LEU G 209 -18.02 -20.57 4.89
N LYS G 210 -16.85 -21.20 4.90
CA LYS G 210 -15.76 -20.86 3.99
C LYS G 210 -16.14 -20.86 2.52
N PRO G 211 -16.85 -21.86 1.99
CA PRO G 211 -17.23 -21.79 0.56
C PRO G 211 -18.12 -20.62 0.21
N HIS G 212 -18.92 -20.12 1.17
CA HIS G 212 -19.81 -19.01 0.89
C HIS G 212 -19.07 -17.70 0.71
N LEU G 213 -17.86 -17.59 1.25
CA LEU G 213 -17.08 -16.37 1.19
C LEU G 213 -16.17 -16.32 -0.02
N SER G 214 -16.40 -17.21 -1.01
CA SER G 214 -15.55 -17.25 -2.19
C SER G 214 -15.59 -15.93 -2.97
N GLN G 215 -16.70 -15.20 -2.88
CA GLN G 215 -16.85 -13.94 -3.59
C GLN G 215 -16.24 -12.76 -2.83
N LEU G 216 -15.59 -13.00 -1.71
CA LEU G 216 -14.93 -11.96 -0.94
C LEU G 216 -13.52 -11.72 -1.43
N THR G 217 -13.10 -10.45 -1.41
CA THR G 217 -11.73 -10.11 -1.75
C THR G 217 -10.79 -10.52 -0.62
N GLY G 218 -9.50 -10.54 -0.92
CA GLY G 218 -8.51 -10.93 0.07
C GLY G 218 -8.47 -10.00 1.26
N SER G 219 -8.59 -8.69 1.02
CA SER G 219 -8.56 -7.73 2.11
C SER G 219 -9.81 -7.81 2.98
N LYS G 220 -10.95 -8.14 2.38
CA LYS G 220 -12.17 -8.31 3.18
C LYS G 220 -12.16 -9.65 3.90
N MET G 221 -11.64 -10.69 3.28
CA MET G 221 -11.43 -11.96 3.97
C MET G 221 -10.49 -11.78 5.16
N LYS G 222 -9.39 -11.06 4.95
CA LYS G 222 -8.44 -10.82 6.04
C LYS G 222 -9.09 -10.01 7.16
N LEU G 223 -9.82 -8.95 6.80
CA LEU G 223 -10.53 -8.15 7.80
C LEU G 223 -11.57 -8.99 8.54
N LEU G 224 -12.25 -9.88 7.83
CA LEU G 224 -13.28 -10.71 8.45
C LEU G 224 -12.66 -11.69 9.43
N ASN G 225 -11.58 -12.38 9.02
CA ASN G 225 -10.88 -13.28 9.93
C ASN G 225 -10.37 -12.55 11.16
N LEU G 226 -10.05 -11.27 11.03
CA LEU G 226 -9.60 -10.50 12.17
C LEU G 226 -10.68 -10.36 13.22
N TYR G 227 -11.92 -10.10 12.79
CA TYR G 227 -13.03 -9.95 13.74
C TYR G 227 -13.55 -11.28 14.26
N ILE G 228 -13.33 -12.38 13.53
CA ILE G 228 -13.64 -13.70 14.08
C ILE G 228 -12.69 -14.02 15.23
N LYS G 229 -11.39 -13.77 15.02
CA LYS G 229 -10.41 -13.98 16.08
C LYS G 229 -10.66 -13.05 17.25
N ARG G 230 -10.98 -11.79 16.97
CA ARG G 230 -11.25 -10.84 18.04
C ARG G 230 -12.48 -11.23 18.85
N ALA G 231 -13.50 -11.80 18.19
CA ALA G 231 -14.68 -12.23 18.91
C ALA G 231 -14.40 -13.45 19.78
N GLN G 232 -13.47 -14.31 19.36
CA GLN G 232 -13.18 -15.51 20.13
C GLN G 232 -12.21 -15.24 21.28
N THR G 233 -11.28 -14.30 21.08
CA THR G 233 -10.31 -13.99 22.13
C THR G 233 -10.98 -13.27 23.30
N GLY G 234 -11.81 -12.27 23.01
CA GLY G 234 -12.48 -11.50 24.04
C GLY G 234 -11.85 -10.14 24.24
N ILE H 14 -12.93 34.87 62.10
CA ILE H 14 -12.56 33.67 61.35
C ILE H 14 -13.73 32.68 61.38
N GLU H 15 -14.44 32.62 62.51
CA GLU H 15 -15.57 31.71 62.63
C GLU H 15 -16.65 32.04 61.61
N SER H 16 -16.96 33.33 61.44
CA SER H 16 -17.92 33.73 60.42
C SER H 16 -17.38 33.42 59.02
N GLU H 17 -16.09 33.66 58.81
CA GLU H 17 -15.46 33.33 57.53
C GLU H 17 -15.53 31.83 57.26
N LEU H 18 -15.37 31.01 58.30
CA LEU H 18 -15.45 29.56 58.14
C LEU H 18 -16.83 29.13 57.67
N ASN H 19 -17.89 29.74 58.22
CA ASN H 19 -19.25 29.34 57.83
C ASN H 19 -19.53 29.64 56.36
N SER H 20 -19.03 30.77 55.87
CA SER H 20 -19.25 31.13 54.46
C SER H 20 -18.43 30.23 53.53
N LEU H 21 -17.20 29.89 53.92
CA LEU H 21 -16.36 29.05 53.06
C LEU H 21 -16.93 27.64 52.93
N ARG H 22 -17.49 27.11 54.01
CA ARG H 22 -18.09 25.77 53.96
C ARG H 22 -19.24 25.72 52.97
N ALA H 23 -20.03 26.79 52.90
CA ALA H 23 -21.14 26.84 51.94
C ALA H 23 -20.64 26.79 50.51
N ASP H 24 -19.59 27.56 50.20
CA ASP H 24 -19.04 27.55 48.84
C ASP H 24 -18.46 26.19 48.50
N TYR H 25 -17.83 25.52 49.47
CA TYR H 25 -17.30 24.18 49.22
C TYR H 25 -18.43 23.17 49.02
N ASP H 26 -19.49 23.27 49.82
CA ASP H 26 -20.64 22.37 49.65
C ASP H 26 -21.37 22.65 48.34
N ASN H 27 -21.43 23.91 47.92
CA ASN H 27 -22.07 24.24 46.65
C ASN H 27 -21.26 23.74 45.47
N LEU H 28 -19.93 23.82 45.56
CA LEU H 28 -19.07 23.35 44.48
C LEU H 28 -19.12 21.83 44.32
N VAL H 29 -19.28 21.10 45.43
CA VAL H 29 -19.39 19.64 45.35
C VAL H 29 -20.62 19.26 44.54
N LEU H 30 -21.76 19.89 44.82
CA LEU H 30 -22.97 19.61 44.06
C LEU H 30 -22.81 20.01 42.59
N ASP H 31 -22.20 21.16 42.33
CA ASP H 31 -21.95 21.60 40.96
C ASP H 31 -21.01 20.64 40.24
N TYR H 32 -20.00 20.12 40.96
CA TYR H 32 -19.06 19.19 40.35
C TYR H 32 -19.77 17.91 39.91
N GLU H 33 -20.72 17.43 40.72
CA GLU H 33 -21.49 16.25 40.35
C GLU H 33 -22.24 16.47 39.04
N GLN H 34 -22.74 17.68 38.81
CA GLN H 34 -23.44 17.96 37.56
C GLN H 34 -22.50 17.85 36.36
N LEU H 35 -21.23 18.25 36.54
CA LEU H 35 -20.28 18.15 35.44
C LEU H 35 -19.84 16.70 35.21
N ARG H 36 -19.64 15.95 36.29
CA ARG H 36 -19.25 14.55 36.14
C ARG H 36 -20.33 13.74 35.44
N THR H 37 -21.60 14.01 35.77
CA THR H 37 -22.69 13.33 35.08
C THR H 37 -22.80 13.75 33.63
N GLU H 38 -22.46 14.99 33.31
CA GLU H 38 -22.49 15.43 31.91
C GLU H 38 -21.33 14.84 31.12
N LYS H 39 -20.14 14.78 31.72
CA LYS H 39 -18.99 14.23 31.02
C LYS H 39 -19.12 12.72 30.83
N GLU H 40 -19.68 12.02 31.81
CA GLU H 40 -19.83 10.57 31.70
C GLU H 40 -20.88 10.20 30.66
N GLU H 41 -21.88 11.05 30.44
CA GLU H 41 -22.85 10.80 29.39
C GLU H 41 -22.20 10.94 28.01
N MET H 42 -21.33 11.94 27.82
CA MET H 42 -20.65 12.07 26.54
C MET H 42 -19.72 10.90 26.28
N GLU H 43 -19.15 10.32 27.33
CA GLU H 43 -18.36 9.11 27.17
C GLU H 43 -19.22 7.96 26.66
N LEU H 44 -20.42 7.80 27.25
CA LEU H 44 -21.34 6.78 26.76
C LEU H 44 -21.69 7.01 25.30
N LYS H 45 -21.86 8.26 24.90
CA LYS H 45 -22.14 8.58 23.49
C LYS H 45 -20.90 8.39 22.63
N LEU H 46 -19.73 8.74 23.17
CA LEU H 46 -18.47 8.55 22.44
C LEU H 46 -18.13 7.07 22.28
N LYS H 47 -18.52 6.23 23.25
CA LYS H 47 -18.22 4.80 23.16
C LYS H 47 -18.83 4.17 21.92
N GLU H 48 -20.01 4.66 21.50
CA GLU H 48 -20.62 4.16 20.27
C GLU H 48 -19.73 4.40 19.06
N LYS H 49 -19.12 5.59 18.99
CA LYS H 49 -18.23 5.94 17.88
C LYS H 49 -16.97 5.08 17.85
N ASN H 50 -16.46 4.67 19.01
CA ASN H 50 -15.15 4.01 19.06
C ASN H 50 -15.14 2.68 18.32
N ASP H 51 -16.15 1.85 18.53
CA ASP H 51 -16.19 0.57 17.82
C ASP H 51 -16.34 0.76 16.32
N LEU H 52 -17.02 1.81 15.88
CA LEU H 52 -17.16 2.07 14.45
C LEU H 52 -15.88 2.63 13.83
N ASP H 53 -15.28 3.62 14.47
CA ASP H 53 -14.04 4.20 13.94
C ASP H 53 -12.87 3.24 14.01
N GLU H 54 -12.88 2.32 14.97
CA GLU H 54 -11.86 1.27 15.00
C GLU H 54 -12.00 0.36 13.78
N PHE H 55 -13.23 0.04 13.40
CA PHE H 55 -13.46 -0.78 12.22
C PHE H 55 -12.91 -0.09 10.96
N GLU H 56 -13.24 1.20 10.80
CA GLU H 56 -12.78 1.94 9.62
C GLU H 56 -11.26 2.01 9.56
N ALA H 57 -10.60 2.09 10.71
CA ALA H 57 -9.14 2.12 10.72
C ALA H 57 -8.56 0.75 10.36
N LEU H 58 -9.21 -0.33 10.82
CA LEU H 58 -8.77 -1.66 10.45
C LEU H 58 -8.93 -1.92 8.96
N GLU H 59 -9.95 -1.31 8.33
CA GLU H 59 -10.13 -1.46 6.90
C GLU H 59 -8.97 -0.84 6.13
N ARG H 60 -8.57 0.37 6.54
CA ARG H 60 -7.47 1.05 5.86
C ARG H 60 -6.17 0.27 6.00
N LYS H 61 -5.94 -0.33 7.16
CA LYS H 61 -4.69 -1.08 7.38
C LYS H 61 -4.64 -2.33 6.51
N THR H 62 -5.77 -3.03 6.38
CA THR H 62 -5.81 -4.21 5.52
C THR H 62 -5.69 -3.84 4.05
N LYS H 63 -6.26 -2.70 3.65
CA LYS H 63 -6.13 -2.25 2.26
C LYS H 63 -4.70 -1.86 1.94
N LYS H 64 -3.99 -1.23 2.88
CA LYS H 64 -2.59 -0.91 2.68
C LYS H 64 -1.77 -2.17 2.45
N ASP H 65 -2.03 -3.22 3.22
CA ASP H 65 -1.29 -4.47 3.11
C ASP H 65 -1.69 -5.25 1.86
C ACT I . -24.10 12.87 -10.72
O ACT I . -24.38 12.80 -9.51
OXT ACT I . -24.46 13.79 -11.47
CH3 ACT I . -23.26 11.75 -11.33
C1 MLA J . 18.54 30.58 9.86
O1A MLA J . 18.73 31.73 9.43
O1B MLA J . 18.44 29.58 9.13
C2 MLA J . 18.41 30.38 11.37
C3 MLA J . 17.21 31.13 11.94
O3A MLA J . 16.49 31.76 11.16
O3B MLA J . 17.03 31.07 13.17
C ACT K . -27.13 3.32 0.15
O ACT K . -27.99 4.15 0.49
OXT ACT K . -27.21 2.09 0.39
CH3 ACT K . -25.90 3.82 -0.61
#